data_2DMV
#
_entry.id   2DMV
#
_entity_poly.entity_id   1
_entity_poly.type   'polypeptide(L)'
_entity_poly.pdbx_seq_one_letter_code
;GSSGSSGLPPGWEQRVDQHGRVYYVDHVEKRTTWDRPSGPSSG
;
_entity_poly.pdbx_strand_id   A
#
# COMPACT_ATOMS: atom_id res chain seq x y z
N GLY A 1 -15.78 2.32 4.65
CA GLY A 1 -16.80 2.61 5.64
C GLY A 1 -17.51 1.34 6.12
N SER A 2 -17.73 0.41 5.21
CA SER A 2 -18.40 -0.84 5.55
C SER A 2 -17.48 -2.03 5.31
N SER A 3 -17.80 -3.16 5.94
CA SER A 3 -17.00 -4.37 5.81
C SER A 3 -17.38 -5.14 4.54
N GLY A 4 -16.48 -5.18 3.59
CA GLY A 4 -16.74 -5.89 2.35
C GLY A 4 -15.46 -6.33 1.64
N SER A 5 -14.55 -5.38 1.43
CA SER A 5 -13.29 -5.68 0.75
C SER A 5 -12.12 -5.15 1.56
N SER A 6 -10.99 -5.86 1.49
CA SER A 6 -9.78 -5.45 2.22
C SER A 6 -8.55 -6.14 1.64
N GLY A 7 -7.62 -5.33 1.14
CA GLY A 7 -6.40 -5.88 0.58
C GLY A 7 -5.66 -4.87 -0.28
N LEU A 8 -5.05 -5.35 -1.35
CA LEU A 8 -4.30 -4.48 -2.26
C LEU A 8 -4.39 -4.98 -3.70
N PRO A 9 -4.16 -4.08 -4.66
CA PRO A 9 -4.21 -4.41 -6.08
C PRO A 9 -3.05 -5.30 -6.52
N PRO A 10 -3.16 -5.86 -7.73
CA PRO A 10 -2.12 -6.73 -8.29
C PRO A 10 -0.84 -5.98 -8.63
N GLY A 11 0.23 -6.25 -7.87
CA GLY A 11 1.49 -5.59 -8.11
C GLY A 11 2.00 -4.86 -6.88
N TRP A 12 1.13 -4.67 -5.90
CA TRP A 12 1.49 -3.98 -4.67
C TRP A 12 1.68 -4.97 -3.52
N GLU A 13 2.65 -4.69 -2.65
CA GLU A 13 2.92 -5.56 -1.51
C GLU A 13 2.47 -4.89 -0.21
N GLN A 14 2.46 -5.67 0.87
CA GLN A 14 2.06 -5.17 2.18
C GLN A 14 3.12 -5.47 3.23
N ARG A 15 3.72 -4.42 3.79
CA ARG A 15 4.75 -4.57 4.80
C ARG A 15 4.59 -3.54 5.90
N VAL A 16 5.33 -3.72 6.99
CA VAL A 16 5.26 -2.79 8.12
C VAL A 16 6.67 -2.40 8.58
N ASP A 17 6.78 -1.18 9.12
CA ASP A 17 8.07 -0.69 9.61
C ASP A 17 8.23 -0.99 11.10
N GLN A 18 9.36 -0.56 11.65
CA GLN A 18 9.66 -0.79 13.06
C GLN A 18 8.88 0.19 13.94
N HIS A 19 8.14 1.09 13.31
CA HIS A 19 7.35 2.09 14.03
C HIS A 19 5.91 1.61 14.18
N GLY A 20 5.47 0.72 13.29
CA GLY A 20 4.12 0.21 13.35
C GLY A 20 3.23 0.82 12.29
N ARG A 21 3.83 1.53 11.34
CA ARG A 21 3.08 2.17 10.26
C ARG A 21 3.07 1.30 9.01
N VAL A 22 1.92 0.71 8.71
CA VAL A 22 1.79 -0.14 7.54
C VAL A 22 2.09 0.63 6.26
N TYR A 23 2.83 -0.01 5.36
CA TYR A 23 3.20 0.62 4.09
C TYR A 23 3.27 -0.42 2.98
N TYR A 24 2.85 -0.02 1.78
CA TYR A 24 2.87 -0.91 0.62
C TYR A 24 4.12 -0.69 -0.22
N VAL A 25 4.53 -1.73 -0.93
CA VAL A 25 5.71 -1.65 -1.79
C VAL A 25 5.42 -2.16 -3.19
N ASP A 26 5.54 -1.27 -4.16
CA ASP A 26 5.29 -1.63 -5.56
C ASP A 26 6.51 -2.31 -6.17
N HIS A 27 6.30 -3.51 -6.71
CA HIS A 27 7.38 -4.26 -7.33
C HIS A 27 7.56 -3.84 -8.79
N VAL A 28 6.56 -3.14 -9.33
CA VAL A 28 6.62 -2.69 -10.72
C VAL A 28 6.98 -1.22 -10.79
N GLU A 29 6.70 -0.48 -9.73
CA GLU A 29 7.00 0.94 -9.68
C GLU A 29 8.18 1.21 -8.75
N LYS A 30 8.40 0.32 -7.79
CA LYS A 30 9.50 0.45 -6.84
C LYS A 30 9.32 1.70 -5.98
N ARG A 31 8.16 1.80 -5.33
CA ARG A 31 7.87 2.94 -4.47
C ARG A 31 7.30 2.49 -3.13
N THR A 32 7.60 3.26 -2.08
CA THR A 32 7.13 2.93 -0.75
C THR A 32 6.18 4.01 -0.21
N THR A 33 5.02 3.58 0.27
CA THR A 33 4.02 4.51 0.80
C THR A 33 3.27 3.89 1.97
N TRP A 34 3.02 4.70 2.99
CA TRP A 34 2.31 4.24 4.18
C TRP A 34 0.82 4.05 3.88
N ASP A 35 0.34 4.75 2.85
CA ASP A 35 -1.07 4.66 2.47
C ASP A 35 -1.20 4.15 1.03
N ARG A 36 -2.43 3.87 0.63
CA ARG A 36 -2.70 3.38 -0.72
C ARG A 36 -2.09 4.29 -1.77
N PRO A 37 -1.91 3.77 -2.98
CA PRO A 37 -1.33 4.52 -4.10
C PRO A 37 -2.27 5.61 -4.61
N SER A 38 -3.55 5.48 -4.28
CA SER A 38 -4.55 6.46 -4.71
C SER A 38 -5.03 7.28 -3.52
N GLY A 39 -5.27 8.57 -3.77
CA GLY A 39 -5.73 9.46 -2.72
C GLY A 39 -4.89 10.72 -2.60
N PRO A 40 -5.20 11.54 -1.60
CA PRO A 40 -4.48 12.80 -1.35
C PRO A 40 -3.05 12.56 -0.85
N SER A 41 -2.16 13.48 -1.18
CA SER A 41 -0.76 13.37 -0.78
C SER A 41 -0.32 14.62 -0.03
N SER A 42 0.34 14.43 1.11
CA SER A 42 0.82 15.55 1.91
C SER A 42 2.27 15.89 1.56
N GLY A 43 2.51 17.18 1.29
CA GLY A 43 3.84 17.62 0.95
C GLY A 43 4.78 17.66 2.14
N GLY A 1 -10.54 3.98 6.61
CA GLY A 1 -10.96 2.97 7.57
C GLY A 1 -12.38 2.51 7.36
N SER A 2 -12.54 1.39 6.67
CA SER A 2 -13.86 0.85 6.39
C SER A 2 -13.98 -0.58 6.91
N SER A 3 -15.16 -0.91 7.43
CA SER A 3 -15.41 -2.24 7.97
C SER A 3 -15.29 -3.30 6.88
N GLY A 4 -15.19 -4.56 7.29
CA GLY A 4 -15.08 -5.65 6.34
C GLY A 4 -13.63 -5.94 5.96
N SER A 5 -13.43 -6.97 5.14
CA SER A 5 -12.08 -7.36 4.73
C SER A 5 -11.57 -6.44 3.63
N SER A 6 -10.28 -6.55 3.33
CA SER A 6 -9.66 -5.71 2.31
C SER A 6 -8.33 -6.32 1.85
N GLY A 7 -7.64 -5.60 0.98
CA GLY A 7 -6.36 -6.08 0.48
C GLY A 7 -5.64 -5.04 -0.35
N LEU A 8 -5.04 -5.48 -1.45
CA LEU A 8 -4.31 -4.58 -2.34
C LEU A 8 -4.38 -5.07 -3.79
N PRO A 9 -4.16 -4.14 -4.73
CA PRO A 9 -4.19 -4.45 -6.17
C PRO A 9 -3.01 -5.31 -6.60
N PRO A 10 -3.09 -5.84 -7.83
CA PRO A 10 -2.03 -6.69 -8.39
C PRO A 10 -0.76 -5.92 -8.69
N GLY A 11 0.29 -6.19 -7.92
CA GLY A 11 1.56 -5.51 -8.12
C GLY A 11 2.02 -4.76 -6.88
N TRP A 12 1.13 -4.66 -5.89
CA TRP A 12 1.45 -3.97 -4.65
C TRP A 12 1.58 -4.95 -3.48
N GLU A 13 2.55 -4.70 -2.61
CA GLU A 13 2.77 -5.57 -1.46
C GLU A 13 2.33 -4.88 -0.17
N GLN A 14 2.39 -5.61 0.94
CA GLN A 14 2.00 -5.08 2.24
C GLN A 14 3.02 -5.44 3.31
N ARG A 15 3.64 -4.41 3.90
CA ARG A 15 4.64 -4.62 4.94
C ARG A 15 4.52 -3.55 6.01
N VAL A 16 5.27 -3.74 7.11
CA VAL A 16 5.25 -2.79 8.22
C VAL A 16 6.67 -2.47 8.69
N ASP A 17 6.85 -1.26 9.20
CA ASP A 17 8.16 -0.83 9.68
C ASP A 17 8.29 -1.07 11.18
N GLN A 18 9.42 -0.68 11.75
CA GLN A 18 9.67 -0.85 13.17
C GLN A 18 8.91 0.19 13.99
N HIS A 19 8.23 1.10 13.30
CA HIS A 19 7.47 2.15 13.96
C HIS A 19 6.00 1.73 14.15
N GLY A 20 5.55 0.81 13.31
CA GLY A 20 4.18 0.34 13.39
C GLY A 20 3.29 0.96 12.33
N ARG A 21 3.90 1.59 11.34
CA ARG A 21 3.15 2.23 10.26
C ARG A 21 3.14 1.36 9.02
N VAL A 22 1.98 0.76 8.74
CA VAL A 22 1.82 -0.11 7.58
C VAL A 22 2.11 0.64 6.29
N TYR A 23 2.79 -0.02 5.36
CA TYR A 23 3.13 0.59 4.08
C TYR A 23 3.20 -0.46 2.97
N TYR A 24 2.82 -0.06 1.76
CA TYR A 24 2.82 -0.97 0.63
C TYR A 24 4.09 -0.78 -0.22
N VAL A 25 4.47 -1.83 -0.93
CA VAL A 25 5.66 -1.78 -1.78
C VAL A 25 5.36 -2.29 -3.19
N ASP A 26 5.54 -1.43 -4.18
CA ASP A 26 5.29 -1.80 -5.56
C ASP A 26 6.55 -2.36 -6.22
N HIS A 27 6.44 -3.56 -6.77
CA HIS A 27 7.57 -4.21 -7.43
C HIS A 27 7.68 -3.76 -8.87
N VAL A 28 6.64 -3.11 -9.38
CA VAL A 28 6.62 -2.63 -10.75
C VAL A 28 6.96 -1.14 -10.82
N GLU A 29 6.70 -0.43 -9.72
CA GLU A 29 6.98 1.00 -9.65
C GLU A 29 8.17 1.28 -8.74
N LYS A 30 8.41 0.37 -7.80
CA LYS A 30 9.53 0.52 -6.86
C LYS A 30 9.34 1.75 -5.99
N ARG A 31 8.15 1.87 -5.39
CA ARG A 31 7.85 3.01 -4.53
C ARG A 31 7.27 2.53 -3.20
N THR A 32 7.57 3.27 -2.13
CA THR A 32 7.07 2.93 -0.79
C THR A 32 6.13 3.99 -0.27
N THR A 33 4.96 3.55 0.19
CA THR A 33 3.96 4.47 0.73
C THR A 33 3.20 3.84 1.89
N TRP A 34 2.98 4.63 2.95
CA TRP A 34 2.26 4.14 4.12
C TRP A 34 0.78 3.93 3.81
N ASP A 35 0.29 4.65 2.82
CA ASP A 35 -1.12 4.54 2.42
C ASP A 35 -1.24 4.02 1.00
N ARG A 36 -2.48 3.84 0.55
CA ARG A 36 -2.73 3.34 -0.80
C ARG A 36 -2.13 4.27 -1.85
N PRO A 37 -1.93 3.74 -3.07
CA PRO A 37 -1.37 4.51 -4.18
C PRO A 37 -2.31 5.58 -4.69
N SER A 38 -1.90 6.30 -5.74
CA SER A 38 -2.71 7.36 -6.32
C SER A 38 -3.01 8.44 -5.28
N GLY A 39 -1.97 8.89 -4.59
CA GLY A 39 -2.14 9.92 -3.59
C GLY A 39 -2.91 9.42 -2.38
N PRO A 40 -2.89 10.22 -1.29
CA PRO A 40 -3.59 9.88 -0.05
C PRO A 40 -5.11 9.95 -0.19
N SER A 41 -5.77 8.84 0.11
CA SER A 41 -7.23 8.78 0.01
C SER A 41 -7.89 9.40 1.24
N SER A 42 -7.17 9.37 2.36
CA SER A 42 -7.69 9.92 3.61
C SER A 42 -6.61 9.91 4.69
N GLY A 43 -6.19 11.10 5.12
CA GLY A 43 -5.17 11.20 6.15
C GLY A 43 -5.58 12.14 7.27
N GLY A 1 -22.12 -4.95 4.36
CA GLY A 1 -21.39 -4.83 3.13
C GLY A 1 -20.11 -5.66 3.13
N SER A 2 -19.35 -5.58 2.04
CA SER A 2 -18.10 -6.34 1.93
C SER A 2 -16.97 -5.62 2.64
N SER A 3 -17.10 -5.49 3.96
CA SER A 3 -16.08 -4.81 4.76
C SER A 3 -15.39 -5.79 5.70
N GLY A 4 -15.28 -7.05 5.26
CA GLY A 4 -14.64 -8.07 6.07
C GLY A 4 -13.16 -7.80 6.28
N SER A 5 -12.44 -7.58 5.18
CA SER A 5 -11.01 -7.31 5.25
C SER A 5 -10.52 -6.65 3.97
N SER A 6 -9.77 -5.56 4.12
CA SER A 6 -9.25 -4.84 2.98
C SER A 6 -7.94 -5.46 2.48
N GLY A 7 -7.65 -5.28 1.19
CA GLY A 7 -6.45 -5.84 0.62
C GLY A 7 -5.72 -4.84 -0.25
N LEU A 8 -5.08 -5.33 -1.31
CA LEU A 8 -4.34 -4.47 -2.23
C LEU A 8 -4.44 -4.98 -3.66
N PRO A 9 -4.21 -4.07 -4.62
CA PRO A 9 -4.27 -4.41 -6.05
C PRO A 9 -3.11 -5.31 -6.48
N PRO A 10 -3.23 -5.87 -7.69
CA PRO A 10 -2.21 -6.76 -8.25
C PRO A 10 -0.92 -6.02 -8.61
N GLY A 11 0.14 -6.29 -7.85
CA GLY A 11 1.41 -5.64 -8.10
C GLY A 11 1.93 -4.90 -6.87
N TRP A 12 1.07 -4.71 -5.89
CA TRP A 12 1.44 -4.01 -4.67
C TRP A 12 1.62 -4.99 -3.51
N GLU A 13 2.59 -4.72 -2.65
CA GLU A 13 2.86 -5.59 -1.50
C GLU A 13 2.42 -4.91 -0.20
N GLN A 14 2.40 -5.68 0.88
CA GLN A 14 2.00 -5.17 2.18
C GLN A 14 3.04 -5.51 3.24
N ARG A 15 3.62 -4.46 3.84
CA ARG A 15 4.63 -4.65 4.87
C ARG A 15 4.49 -3.59 5.96
N VAL A 16 5.26 -3.76 7.05
CA VAL A 16 5.21 -2.82 8.17
C VAL A 16 6.62 -2.42 8.60
N ASP A 17 6.76 -1.21 9.11
CA ASP A 17 8.05 -0.71 9.57
C ASP A 17 8.25 -0.99 11.06
N GLN A 18 9.39 -0.58 11.58
CA GLN A 18 9.70 -0.79 13.00
C GLN A 18 8.94 0.20 13.87
N HIS A 19 8.21 1.12 13.24
CA HIS A 19 7.44 2.11 13.96
C HIS A 19 6.00 1.65 14.15
N GLY A 20 5.55 0.77 13.27
CA GLY A 20 4.18 0.26 13.35
C GLY A 20 3.28 0.87 12.30
N ARG A 21 3.88 1.56 11.33
CA ARG A 21 3.11 2.18 10.26
C ARG A 21 3.11 1.30 9.01
N VAL A 22 1.95 0.72 8.71
CA VAL A 22 1.81 -0.14 7.55
C VAL A 22 2.11 0.63 6.26
N TYR A 23 2.85 -0.01 5.35
CA TYR A 23 3.20 0.61 4.08
C TYR A 23 3.25 -0.42 2.96
N TYR A 24 2.85 -0.02 1.77
CA TYR A 24 2.85 -0.92 0.61
C TYR A 24 4.10 -0.72 -0.23
N VAL A 25 4.50 -1.76 -0.94
CA VAL A 25 5.68 -1.69 -1.79
C VAL A 25 5.38 -2.22 -3.20
N ASP A 26 5.54 -1.36 -4.19
CA ASP A 26 5.28 -1.75 -5.58
C ASP A 26 6.54 -2.33 -6.22
N HIS A 27 6.45 -3.58 -6.67
CA HIS A 27 7.57 -4.26 -7.29
C HIS A 27 7.71 -3.83 -8.76
N VAL A 28 6.76 -3.04 -9.23
CA VAL A 28 6.77 -2.56 -10.62
C VAL A 28 7.28 -1.13 -10.69
N GLU A 29 6.77 -0.28 -9.80
CA GLU A 29 7.17 1.12 -9.76
C GLU A 29 8.32 1.34 -8.79
N LYS A 30 8.48 0.41 -7.84
CA LYS A 30 9.53 0.50 -6.85
C LYS A 30 9.34 1.73 -5.96
N ARG A 31 8.17 1.85 -5.36
CA ARG A 31 7.86 2.98 -4.49
C ARG A 31 7.29 2.50 -3.16
N THR A 32 7.55 3.26 -2.10
CA THR A 32 7.05 2.92 -0.77
C THR A 32 6.11 3.99 -0.23
N THR A 33 4.95 3.57 0.25
CA THR A 33 3.96 4.50 0.79
C THR A 33 3.22 3.88 1.97
N TRP A 34 2.97 4.68 2.99
CA TRP A 34 2.27 4.22 4.18
C TRP A 34 0.78 4.04 3.89
N ASP A 35 0.28 4.76 2.89
CA ASP A 35 -1.12 4.69 2.51
C ASP A 35 -1.28 4.13 1.11
N ARG A 36 -2.52 3.97 0.68
CA ARG A 36 -2.81 3.43 -0.65
C ARG A 36 -2.23 4.35 -1.73
N PRO A 37 -2.04 3.79 -2.94
CA PRO A 37 -1.50 4.54 -4.08
C PRO A 37 -2.48 5.58 -4.61
N SER A 38 -3.75 5.44 -4.22
CA SER A 38 -4.78 6.37 -4.67
C SER A 38 -6.04 6.23 -3.80
N GLY A 39 -6.81 7.31 -3.72
CA GLY A 39 -8.01 7.29 -2.93
C GLY A 39 -8.27 8.61 -2.23
N PRO A 40 -9.48 8.75 -1.63
CA PRO A 40 -9.86 9.97 -0.92
C PRO A 40 -9.10 10.14 0.38
N SER A 41 -8.47 9.07 0.85
CA SER A 41 -7.71 9.10 2.08
C SER A 41 -8.55 9.65 3.23
N SER A 42 -9.86 9.43 3.15
CA SER A 42 -10.78 9.90 4.18
C SER A 42 -11.31 8.74 5.02
N GLY A 43 -11.65 7.65 4.34
CA GLY A 43 -12.16 6.49 5.04
C GLY A 43 -11.21 5.99 6.12
N GLY A 1 -11.81 -3.97 15.75
CA GLY A 1 -11.37 -2.59 15.67
C GLY A 1 -10.90 -2.22 14.27
N SER A 2 -9.97 -3.00 13.74
CA SER A 2 -9.42 -2.74 12.41
C SER A 2 -10.18 -3.55 11.36
N SER A 3 -11.47 -3.25 11.20
CA SER A 3 -12.30 -3.95 10.23
C SER A 3 -11.66 -3.93 8.85
N GLY A 4 -11.68 -5.08 8.18
CA GLY A 4 -11.09 -5.17 6.85
C GLY A 4 -12.14 -5.30 5.76
N SER A 5 -11.87 -4.73 4.60
CA SER A 5 -12.79 -4.78 3.47
C SER A 5 -12.09 -5.26 2.21
N SER A 6 -10.92 -4.68 1.94
CA SER A 6 -10.14 -5.05 0.76
C SER A 6 -8.64 -4.96 1.05
N GLY A 7 -7.88 -5.89 0.46
CA GLY A 7 -6.45 -5.90 0.66
C GLY A 7 -5.73 -4.90 -0.22
N LEU A 8 -5.13 -5.38 -1.30
CA LEU A 8 -4.40 -4.52 -2.23
C LEU A 8 -4.50 -5.05 -3.66
N PRO A 9 -4.30 -4.16 -4.63
CA PRO A 9 -4.35 -4.51 -6.05
C PRO A 9 -3.19 -5.40 -6.48
N PRO A 10 -3.30 -5.98 -7.69
CA PRO A 10 -2.26 -6.86 -8.24
C PRO A 10 -1.00 -6.10 -8.60
N GLY A 11 0.07 -6.33 -7.85
CA GLY A 11 1.34 -5.66 -8.11
C GLY A 11 1.85 -4.90 -6.90
N TRP A 12 1.00 -4.76 -5.90
CA TRP A 12 1.38 -4.05 -4.68
C TRP A 12 1.58 -5.01 -3.51
N GLU A 13 2.56 -4.72 -2.67
CA GLU A 13 2.85 -5.56 -1.52
C GLU A 13 2.43 -4.89 -0.22
N GLN A 14 2.44 -5.65 0.87
CA GLN A 14 2.06 -5.12 2.17
C GLN A 14 3.11 -5.44 3.23
N ARG A 15 3.70 -4.40 3.81
CA ARG A 15 4.72 -4.58 4.83
C ARG A 15 4.60 -3.52 5.92
N VAL A 16 5.34 -3.70 7.00
CA VAL A 16 5.31 -2.76 8.12
C VAL A 16 6.72 -2.44 8.59
N ASP A 17 6.89 -1.23 9.13
CA ASP A 17 8.19 -0.80 9.62
C ASP A 17 8.33 -1.09 11.12
N GLN A 18 9.43 -0.64 11.71
CA GLN A 18 9.68 -0.86 13.13
C GLN A 18 8.93 0.16 13.98
N HIS A 19 8.17 1.03 13.31
CA HIS A 19 7.40 2.05 14.02
C HIS A 19 5.95 1.62 14.18
N GLY A 20 5.49 0.76 13.28
CA GLY A 20 4.11 0.28 13.34
C GLY A 20 3.23 0.92 12.28
N ARG A 21 3.85 1.54 11.30
CA ARG A 21 3.11 2.20 10.22
C ARG A 21 3.09 1.33 8.97
N VAL A 22 1.93 0.74 8.70
CA VAL A 22 1.77 -0.13 7.52
C VAL A 22 2.06 0.65 6.23
N TYR A 23 2.77 0.00 5.32
CA TYR A 23 3.12 0.62 4.04
C TYR A 23 3.19 -0.42 2.93
N TYR A 24 2.80 -0.01 1.72
CA TYR A 24 2.81 -0.91 0.58
C TYR A 24 4.06 -0.69 -0.28
N VAL A 25 4.50 -1.74 -0.95
CA VAL A 25 5.67 -1.65 -1.80
C VAL A 25 5.38 -2.19 -3.21
N ASP A 26 5.52 -1.31 -4.20
CA ASP A 26 5.28 -1.68 -5.59
C ASP A 26 6.52 -2.31 -6.21
N HIS A 27 6.40 -3.58 -6.61
CA HIS A 27 7.53 -4.29 -7.22
C HIS A 27 7.73 -3.84 -8.66
N VAL A 28 6.79 -3.04 -9.17
CA VAL A 28 6.86 -2.55 -10.54
C VAL A 28 7.34 -1.10 -10.58
N GLU A 29 6.71 -0.25 -9.77
CA GLU A 29 7.07 1.16 -9.71
C GLU A 29 8.27 1.38 -8.79
N LYS A 30 8.46 0.44 -7.87
CA LYS A 30 9.58 0.53 -6.92
C LYS A 30 9.43 1.75 -6.02
N ARG A 31 8.29 1.85 -5.36
CA ARG A 31 8.02 2.98 -4.46
C ARG A 31 7.43 2.50 -3.15
N THR A 32 7.62 3.28 -2.10
CA THR A 32 7.09 2.94 -0.77
C THR A 32 6.15 4.01 -0.26
N THR A 33 4.99 3.58 0.23
CA THR A 33 3.99 4.51 0.75
C THR A 33 3.24 3.90 1.93
N TRP A 34 2.98 4.71 2.95
CA TRP A 34 2.27 4.25 4.13
C TRP A 34 0.78 4.07 3.85
N ASP A 35 0.30 4.77 2.82
CA ASP A 35 -1.11 4.69 2.45
C ASP A 35 -1.26 4.10 1.04
N ARG A 36 -2.50 3.96 0.60
CA ARG A 36 -2.78 3.41 -0.73
C ARG A 36 -2.17 4.28 -1.82
N PRO A 37 -1.99 3.70 -3.01
CA PRO A 37 -1.42 4.40 -4.16
C PRO A 37 -2.36 5.47 -4.71
N SER A 38 -1.92 6.73 -4.66
CA SER A 38 -2.72 7.84 -5.15
C SER A 38 -2.05 8.51 -6.33
N GLY A 39 -2.77 8.60 -7.45
CA GLY A 39 -2.23 9.22 -8.64
C GLY A 39 -3.30 9.87 -9.50
N PRO A 40 -2.89 10.43 -10.64
CA PRO A 40 -3.80 11.10 -11.58
C PRO A 40 -4.73 10.11 -12.27
N SER A 41 -5.98 10.52 -12.46
CA SER A 41 -6.98 9.69 -13.12
C SER A 41 -6.72 9.60 -14.62
N SER A 42 -6.19 10.68 -15.18
CA SER A 42 -5.90 10.73 -16.61
C SER A 42 -4.58 10.01 -16.91
N GLY A 43 -4.21 10.00 -18.20
CA GLY A 43 -2.98 9.34 -18.60
C GLY A 43 -2.85 9.22 -20.10
N GLY A 1 -20.92 -8.87 4.94
CA GLY A 1 -19.50 -8.91 4.66
C GLY A 1 -19.20 -9.57 3.33
N SER A 2 -18.26 -8.99 2.57
CA SER A 2 -17.88 -9.52 1.28
C SER A 2 -16.38 -9.38 1.05
N SER A 3 -15.77 -10.42 0.49
CA SER A 3 -14.34 -10.42 0.21
C SER A 3 -14.05 -9.89 -1.19
N GLY A 4 -12.77 -9.72 -1.50
CA GLY A 4 -12.38 -9.23 -2.81
C GLY A 4 -12.05 -7.76 -2.79
N SER A 5 -12.76 -6.99 -1.97
CA SER A 5 -12.53 -5.55 -1.87
C SER A 5 -11.28 -5.26 -1.06
N SER A 6 -11.31 -5.60 0.22
CA SER A 6 -10.17 -5.36 1.11
C SER A 6 -8.89 -5.97 0.52
N GLY A 7 -7.75 -5.46 0.97
CA GLY A 7 -6.48 -5.97 0.47
C GLY A 7 -5.74 -4.95 -0.36
N LEU A 8 -5.17 -5.40 -1.47
CA LEU A 8 -4.42 -4.52 -2.36
C LEU A 8 -4.48 -5.02 -3.81
N PRO A 9 -4.25 -4.10 -4.76
CA PRO A 9 -4.28 -4.43 -6.18
C PRO A 9 -3.10 -5.30 -6.60
N PRO A 10 -3.16 -5.85 -7.82
CA PRO A 10 -2.11 -6.71 -8.38
C PRO A 10 -0.82 -5.94 -8.67
N GLY A 11 0.22 -6.25 -7.92
CA GLY A 11 1.50 -5.58 -8.13
C GLY A 11 1.96 -4.82 -6.90
N TRP A 12 1.08 -4.73 -5.90
CA TRP A 12 1.40 -4.02 -4.67
C TRP A 12 1.54 -4.99 -3.50
N GLU A 13 2.51 -4.73 -2.64
CA GLU A 13 2.75 -5.58 -1.47
C GLU A 13 2.32 -4.88 -0.19
N GLN A 14 2.43 -5.60 0.93
CA GLN A 14 2.06 -5.05 2.22
C GLN A 14 3.11 -5.38 3.28
N ARG A 15 3.73 -4.35 3.85
CA ARG A 15 4.75 -4.54 4.87
C ARG A 15 4.63 -3.48 5.96
N VAL A 16 5.37 -3.67 7.04
CA VAL A 16 5.35 -2.74 8.16
C VAL A 16 6.76 -2.41 8.63
N ASP A 17 6.94 -1.19 9.15
CA ASP A 17 8.24 -0.75 9.64
C ASP A 17 8.37 -1.03 11.14
N GLN A 18 9.49 -0.59 11.71
CA GLN A 18 9.75 -0.78 13.14
C GLN A 18 8.97 0.22 13.98
N HIS A 19 8.25 1.12 13.30
CA HIS A 19 7.47 2.13 13.99
C HIS A 19 6.02 1.67 14.18
N GLY A 20 5.55 0.81 13.29
CA GLY A 20 4.21 0.30 13.39
C GLY A 20 3.29 0.90 12.33
N ARG A 21 3.89 1.53 11.33
CA ARG A 21 3.11 2.14 10.26
C ARG A 21 3.07 1.24 9.02
N VAL A 22 1.87 0.82 8.64
CA VAL A 22 1.69 -0.05 7.49
C VAL A 22 2.02 0.69 6.19
N TYR A 23 2.74 0.02 5.29
CA TYR A 23 3.11 0.62 4.02
C TYR A 23 3.17 -0.44 2.93
N TYR A 24 2.77 -0.06 1.72
CA TYR A 24 2.78 -0.98 0.59
C TYR A 24 4.03 -0.80 -0.24
N VAL A 25 4.43 -1.86 -0.96
CA VAL A 25 5.61 -1.81 -1.80
C VAL A 25 5.30 -2.31 -3.21
N ASP A 26 5.53 -1.44 -4.19
CA ASP A 26 5.28 -1.79 -5.59
C ASP A 26 6.53 -2.38 -6.23
N HIS A 27 6.39 -3.60 -6.77
CA HIS A 27 7.51 -4.28 -7.41
C HIS A 27 7.67 -3.81 -8.85
N VAL A 28 6.70 -3.04 -9.34
CA VAL A 28 6.74 -2.52 -10.70
C VAL A 28 7.18 -1.06 -10.71
N GLU A 29 6.74 -0.31 -9.71
CA GLU A 29 7.08 1.11 -9.61
C GLU A 29 8.24 1.33 -8.64
N LYS A 30 8.46 0.35 -7.77
CA LYS A 30 9.54 0.42 -6.79
C LYS A 30 9.38 1.65 -5.90
N ARG A 31 8.22 1.78 -5.27
CA ARG A 31 7.94 2.91 -4.40
C ARG A 31 7.33 2.45 -3.08
N THR A 32 7.58 3.21 -2.02
CA THR A 32 7.05 2.88 -0.70
C THR A 32 6.10 3.95 -0.21
N THR A 33 4.92 3.53 0.26
CA THR A 33 3.92 4.45 0.77
C THR A 33 3.14 3.84 1.93
N TRP A 34 2.94 4.64 2.97
CA TRP A 34 2.21 4.17 4.16
C TRP A 34 0.73 4.01 3.85
N ASP A 35 0.27 4.66 2.80
CA ASP A 35 -1.13 4.59 2.39
C ASP A 35 -1.26 4.03 0.98
N ARG A 36 -2.50 3.91 0.51
CA ARG A 36 -2.76 3.40 -0.82
C ARG A 36 -2.15 4.31 -1.89
N PRO A 37 -1.97 3.76 -3.10
CA PRO A 37 -1.39 4.50 -4.22
C PRO A 37 -2.32 5.58 -4.75
N SER A 38 -2.31 6.74 -4.10
CA SER A 38 -3.16 7.85 -4.49
C SER A 38 -2.32 9.01 -5.04
N GLY A 39 -1.44 8.69 -5.99
CA GLY A 39 -0.60 9.71 -6.58
C GLY A 39 0.78 9.75 -5.96
N PRO A 40 1.62 10.69 -6.42
CA PRO A 40 2.99 10.86 -5.92
C PRO A 40 3.01 11.40 -4.50
N SER A 41 3.68 10.68 -3.60
CA SER A 41 3.77 11.08 -2.20
C SER A 41 4.81 12.20 -2.04
N SER A 42 6.00 11.97 -2.58
CA SER A 42 7.08 12.95 -2.48
C SER A 42 8.26 12.55 -3.35
N GLY A 43 8.88 13.53 -4.00
CA GLY A 43 10.02 13.26 -4.86
C GLY A 43 9.62 12.56 -6.14
N GLY A 1 -18.26 -19.17 5.63
CA GLY A 1 -17.72 -18.42 4.51
C GLY A 1 -18.77 -17.51 3.87
N SER A 2 -18.97 -17.67 2.57
CA SER A 2 -19.93 -16.85 1.84
C SER A 2 -19.59 -15.37 1.96
N SER A 3 -18.29 -15.07 2.04
CA SER A 3 -17.83 -13.70 2.15
C SER A 3 -16.49 -13.51 1.46
N GLY A 4 -16.03 -12.27 1.37
CA GLY A 4 -14.77 -11.98 0.72
C GLY A 4 -13.93 -10.99 1.51
N SER A 5 -12.89 -10.46 0.87
CA SER A 5 -12.00 -9.51 1.52
C SER A 5 -11.19 -8.73 0.47
N SER A 6 -10.71 -7.55 0.87
CA SER A 6 -9.93 -6.71 -0.02
C SER A 6 -8.58 -6.37 0.60
N GLY A 7 -7.50 -6.82 -0.03
CA GLY A 7 -6.17 -6.55 0.47
C GLY A 7 -5.46 -5.45 -0.32
N LEU A 8 -4.87 -5.82 -1.44
CA LEU A 8 -4.16 -4.87 -2.28
C LEU A 8 -4.22 -5.28 -3.75
N PRO A 9 -4.00 -4.31 -4.65
CA PRO A 9 -4.03 -4.55 -6.09
C PRO A 9 -2.84 -5.39 -6.56
N PRO A 10 -2.91 -5.85 -7.82
CA PRO A 10 -1.84 -6.67 -8.41
C PRO A 10 -0.57 -5.86 -8.68
N GLY A 11 0.49 -6.20 -7.95
CA GLY A 11 1.76 -5.50 -8.12
C GLY A 11 2.16 -4.73 -6.88
N TRP A 12 1.26 -4.67 -5.90
CA TRP A 12 1.53 -3.96 -4.65
C TRP A 12 1.68 -4.94 -3.49
N GLU A 13 2.61 -4.64 -2.59
CA GLU A 13 2.85 -5.49 -1.43
C GLU A 13 2.35 -4.82 -0.15
N GLN A 14 2.48 -5.53 0.97
CA GLN A 14 2.05 -5.01 2.25
C GLN A 14 3.05 -5.36 3.34
N ARG A 15 3.60 -4.32 3.98
CA ARG A 15 4.58 -4.51 5.04
C ARG A 15 4.43 -3.44 6.13
N VAL A 16 5.16 -3.60 7.22
CA VAL A 16 5.12 -2.66 8.32
C VAL A 16 6.50 -2.41 8.90
N ASP A 17 6.87 -1.14 9.01
CA ASP A 17 8.17 -0.76 9.55
C ASP A 17 8.27 -1.12 11.03
N GLN A 18 9.39 -0.76 11.64
CA GLN A 18 9.63 -1.06 13.05
C GLN A 18 8.93 -0.03 13.95
N HIS A 19 8.27 0.92 13.32
CA HIS A 19 7.56 1.97 14.06
C HIS A 19 6.10 1.58 14.29
N GLY A 20 5.54 0.83 13.35
CA GLY A 20 4.15 0.41 13.47
C GLY A 20 3.26 1.01 12.41
N ARG A 21 3.88 1.58 11.37
CA ARG A 21 3.13 2.21 10.29
C ARG A 21 3.10 1.30 9.06
N VAL A 22 1.91 0.88 8.67
CA VAL A 22 1.74 0.01 7.51
C VAL A 22 2.08 0.75 6.22
N TYR A 23 2.77 0.06 5.31
CA TYR A 23 3.17 0.65 4.04
C TYR A 23 3.23 -0.42 2.95
N TYR A 24 2.79 -0.05 1.75
CA TYR A 24 2.80 -0.97 0.62
C TYR A 24 4.06 -0.80 -0.21
N VAL A 25 4.47 -1.88 -0.88
CA VAL A 25 5.67 -1.85 -1.71
C VAL A 25 5.35 -2.30 -3.13
N ASP A 26 5.53 -1.39 -4.10
CA ASP A 26 5.28 -1.70 -5.49
C ASP A 26 6.50 -2.34 -6.14
N HIS A 27 6.28 -3.44 -6.86
CA HIS A 27 7.36 -4.15 -7.52
C HIS A 27 7.50 -3.69 -8.98
N VAL A 28 6.43 -3.10 -9.50
CA VAL A 28 6.42 -2.62 -10.88
C VAL A 28 6.80 -1.14 -10.94
N GLU A 29 6.65 -0.45 -9.82
CA GLU A 29 6.98 0.97 -9.75
C GLU A 29 8.16 1.21 -8.83
N LYS A 30 8.36 0.30 -7.87
CA LYS A 30 9.46 0.40 -6.92
C LYS A 30 9.29 1.64 -6.04
N ARG A 31 8.15 1.74 -5.38
CA ARG A 31 7.87 2.87 -4.50
C ARG A 31 7.28 2.40 -3.18
N THR A 32 7.53 3.17 -2.12
CA THR A 32 7.02 2.85 -0.80
C THR A 32 6.10 3.93 -0.27
N THR A 33 4.93 3.52 0.22
CA THR A 33 3.96 4.46 0.75
C THR A 33 3.20 3.86 1.94
N TRP A 34 3.00 4.67 2.98
CA TRP A 34 2.30 4.22 4.17
C TRP A 34 0.80 4.07 3.89
N ASP A 35 0.30 4.84 2.93
CA ASP A 35 -1.11 4.79 2.56
C ASP A 35 -1.29 4.21 1.16
N ARG A 36 -2.55 4.09 0.74
CA ARG A 36 -2.85 3.55 -0.59
C ARG A 36 -2.31 4.46 -1.69
N PRO A 37 -2.03 3.87 -2.86
CA PRO A 37 -1.50 4.61 -4.01
C PRO A 37 -2.54 5.54 -4.62
N SER A 38 -3.80 5.34 -4.27
CA SER A 38 -4.88 6.16 -4.79
C SER A 38 -4.86 6.21 -6.32
N GLY A 39 -4.43 5.11 -6.91
CA GLY A 39 -4.36 5.03 -8.36
C GLY A 39 -5.04 3.79 -8.91
N PRO A 40 -5.12 3.68 -10.25
CA PRO A 40 -5.75 2.55 -10.92
C PRO A 40 -4.93 1.27 -10.77
N SER A 41 -5.45 0.19 -11.33
CA SER A 41 -4.77 -1.11 -11.26
C SER A 41 -4.04 -1.41 -12.56
N SER A 42 -2.82 -0.89 -12.68
CA SER A 42 -2.02 -1.11 -13.88
C SER A 42 -0.89 -2.09 -13.60
N GLY A 43 -0.51 -2.85 -14.63
CA GLY A 43 0.56 -3.82 -14.47
C GLY A 43 1.31 -4.07 -15.77
N GLY A 1 -15.32 -9.32 12.71
CA GLY A 1 -16.77 -9.25 12.63
C GLY A 1 -17.25 -8.84 11.24
N SER A 2 -16.66 -9.46 10.22
CA SER A 2 -17.02 -9.15 8.84
C SER A 2 -16.46 -10.20 7.89
N SER A 3 -16.82 -10.09 6.62
CA SER A 3 -16.35 -11.03 5.60
C SER A 3 -16.01 -10.30 4.31
N GLY A 4 -14.71 -10.17 4.03
CA GLY A 4 -14.29 -9.50 2.82
C GLY A 4 -13.20 -8.46 3.08
N SER A 5 -12.11 -8.89 3.71
CA SER A 5 -11.01 -7.99 4.03
C SER A 5 -10.54 -7.26 2.79
N SER A 6 -10.32 -5.95 2.93
CA SER A 6 -9.88 -5.12 1.81
C SER A 6 -8.41 -5.41 1.49
N GLY A 7 -8.18 -6.15 0.40
CA GLY A 7 -6.83 -6.47 0.01
C GLY A 7 -6.23 -5.44 -0.94
N LEU A 8 -4.98 -5.64 -1.32
CA LEU A 8 -4.29 -4.72 -2.22
C LEU A 8 -4.38 -5.20 -3.67
N PRO A 9 -4.21 -4.26 -4.61
CA PRO A 9 -4.27 -4.56 -6.04
C PRO A 9 -3.06 -5.39 -6.50
N PRO A 10 -3.14 -5.90 -7.74
CA PRO A 10 -2.07 -6.72 -8.32
C PRO A 10 -0.82 -5.90 -8.63
N GLY A 11 0.25 -6.19 -7.92
CA GLY A 11 1.50 -5.46 -8.12
C GLY A 11 1.96 -4.72 -6.89
N TRP A 12 1.09 -4.66 -5.89
CA TRP A 12 1.41 -3.96 -4.65
C TRP A 12 1.57 -4.96 -3.50
N GLU A 13 2.53 -4.69 -2.62
CA GLU A 13 2.78 -5.57 -1.48
C GLU A 13 2.34 -4.90 -0.18
N GLN A 14 2.29 -5.69 0.90
CA GLN A 14 1.88 -5.18 2.20
C GLN A 14 2.91 -5.52 3.27
N ARG A 15 3.50 -4.50 3.87
CA ARG A 15 4.51 -4.69 4.91
C ARG A 15 4.39 -3.61 5.98
N VAL A 16 5.14 -3.79 7.07
CA VAL A 16 5.12 -2.83 8.16
C VAL A 16 6.54 -2.45 8.59
N ASP A 17 6.70 -1.23 9.07
CA ASP A 17 8.01 -0.74 9.51
C ASP A 17 8.22 -1.02 10.99
N GLN A 18 9.39 -0.63 11.50
CA GLN A 18 9.72 -0.84 12.90
C GLN A 18 8.98 0.16 13.79
N HIS A 19 8.28 1.10 13.16
CA HIS A 19 7.53 2.12 13.89
C HIS A 19 6.09 1.68 14.11
N GLY A 20 5.60 0.81 13.24
CA GLY A 20 4.23 0.33 13.36
C GLY A 20 3.32 0.92 12.30
N ARG A 21 3.90 1.61 11.33
CA ARG A 21 3.13 2.23 10.26
C ARG A 21 3.12 1.34 9.01
N VAL A 22 1.96 0.75 8.73
CA VAL A 22 1.82 -0.11 7.57
C VAL A 22 2.12 0.64 6.28
N TYR A 23 2.84 -0.02 5.36
CA TYR A 23 3.20 0.58 4.10
C TYR A 23 3.27 -0.46 2.99
N TYR A 24 2.87 -0.07 1.79
CA TYR A 24 2.88 -0.98 0.64
C TYR A 24 4.13 -0.78 -0.20
N VAL A 25 4.54 -1.83 -0.91
CA VAL A 25 5.71 -1.77 -1.76
C VAL A 25 5.41 -2.26 -3.18
N ASP A 26 5.56 -1.37 -4.14
CA ASP A 26 5.31 -1.71 -5.54
C ASP A 26 6.55 -2.32 -6.19
N HIS A 27 6.46 -3.62 -6.49
CA HIS A 27 7.58 -4.33 -7.11
C HIS A 27 7.80 -3.84 -8.54
N VAL A 28 6.83 -3.10 -9.07
CA VAL A 28 6.92 -2.57 -10.42
C VAL A 28 7.30 -1.10 -10.41
N GLU A 29 6.51 -0.28 -9.73
CA GLU A 29 6.77 1.15 -9.65
C GLU A 29 8.03 1.42 -8.82
N LYS A 30 8.35 0.50 -7.93
CA LYS A 30 9.53 0.64 -7.08
C LYS A 30 9.40 1.85 -6.17
N ARG A 31 8.31 1.90 -5.40
CA ARG A 31 8.08 3.00 -4.48
C ARG A 31 7.44 2.50 -3.18
N THR A 32 7.63 3.26 -2.11
CA THR A 32 7.08 2.89 -0.81
C THR A 32 6.12 3.96 -0.29
N THR A 33 4.96 3.53 0.19
CA THR A 33 3.96 4.45 0.71
C THR A 33 3.21 3.83 1.88
N TRP A 34 2.99 4.63 2.92
CA TRP A 34 2.28 4.16 4.11
C TRP A 34 0.79 3.96 3.81
N ASP A 35 0.32 4.60 2.74
CA ASP A 35 -1.08 4.49 2.36
C ASP A 35 -1.21 3.92 0.95
N ARG A 36 -2.45 3.76 0.49
CA ARG A 36 -2.70 3.22 -0.84
C ARG A 36 -2.12 4.13 -1.92
N PRO A 37 -1.93 3.57 -3.12
CA PRO A 37 -1.38 4.31 -4.25
C PRO A 37 -2.35 5.36 -4.79
N SER A 38 -2.43 6.50 -4.10
CA SER A 38 -3.31 7.58 -4.50
C SER A 38 -2.98 8.05 -5.91
N GLY A 39 -1.73 8.46 -6.11
CA GLY A 39 -1.30 8.95 -7.41
C GLY A 39 -0.52 10.24 -7.34
N PRO A 40 -0.22 10.82 -8.51
CA PRO A 40 0.54 12.08 -8.58
C PRO A 40 -0.26 13.27 -8.08
N SER A 41 0.40 14.17 -7.37
CA SER A 41 -0.24 15.36 -6.83
C SER A 41 0.39 16.63 -7.39
N SER A 42 -0.45 17.59 -7.75
CA SER A 42 0.02 18.86 -8.31
C SER A 42 -0.27 20.01 -7.35
N GLY A 43 -0.23 19.71 -6.06
CA GLY A 43 -0.49 20.73 -5.05
C GLY A 43 -0.46 20.19 -3.64
N GLY A 1 -21.70 -3.79 -1.01
CA GLY A 1 -21.30 -2.95 -2.14
C GLY A 1 -19.82 -2.59 -2.08
N SER A 2 -18.96 -3.60 -2.13
CA SER A 2 -17.52 -3.38 -2.08
C SER A 2 -17.12 -2.69 -0.78
N SER A 3 -17.85 -2.98 0.29
CA SER A 3 -17.58 -2.39 1.59
C SER A 3 -16.40 -3.09 2.26
N GLY A 4 -15.67 -2.34 3.08
CA GLY A 4 -14.52 -2.90 3.77
C GLY A 4 -13.22 -2.64 3.04
N SER A 5 -12.34 -3.63 3.02
CA SER A 5 -11.04 -3.50 2.37
C SER A 5 -10.72 -4.74 1.56
N SER A 6 -10.39 -4.54 0.28
CA SER A 6 -10.06 -5.66 -0.61
C SER A 6 -8.55 -5.88 -0.68
N GLY A 7 -7.89 -5.70 0.47
CA GLY A 7 -6.44 -5.89 0.52
C GLY A 7 -5.71 -4.88 -0.34
N LEU A 8 -5.10 -5.37 -1.42
CA LEU A 8 -4.35 -4.50 -2.33
C LEU A 8 -4.44 -5.02 -3.76
N PRO A 9 -4.20 -4.12 -4.74
CA PRO A 9 -4.25 -4.47 -6.16
C PRO A 9 -3.07 -5.36 -6.57
N PRO A 10 -3.15 -5.92 -7.79
CA PRO A 10 -2.11 -6.80 -8.32
C PRO A 10 -0.83 -6.03 -8.65
N GLY A 11 0.22 -6.29 -7.89
CA GLY A 11 1.49 -5.63 -8.11
C GLY A 11 1.98 -4.88 -6.88
N TRP A 12 1.10 -4.70 -5.92
CA TRP A 12 1.45 -4.00 -4.68
C TRP A 12 1.62 -4.98 -3.53
N GLU A 13 2.59 -4.71 -2.67
CA GLU A 13 2.85 -5.57 -1.52
C GLU A 13 2.44 -4.89 -0.22
N GLN A 14 2.42 -5.65 0.87
CA GLN A 14 2.03 -5.12 2.17
C GLN A 14 3.08 -5.46 3.23
N ARG A 15 3.64 -4.43 3.85
CA ARG A 15 4.65 -4.61 4.88
C ARG A 15 4.51 -3.56 5.98
N VAL A 16 5.28 -3.74 7.05
CA VAL A 16 5.23 -2.81 8.17
C VAL A 16 6.65 -2.41 8.61
N ASP A 17 6.78 -1.20 9.13
CA ASP A 17 8.07 -0.71 9.60
C ASP A 17 8.27 -0.98 11.08
N GLN A 18 9.41 -0.57 11.61
CA GLN A 18 9.72 -0.78 13.03
C GLN A 18 8.95 0.20 13.90
N HIS A 19 8.22 1.12 13.26
CA HIS A 19 7.45 2.11 13.98
C HIS A 19 6.01 1.65 14.18
N GLY A 20 5.58 0.73 13.32
CA GLY A 20 4.22 0.21 13.40
C GLY A 20 3.31 0.80 12.34
N ARG A 21 3.90 1.52 11.39
CA ARG A 21 3.13 2.13 10.31
C ARG A 21 3.11 1.24 9.08
N VAL A 22 1.92 0.80 8.68
CA VAL A 22 1.77 -0.06 7.52
C VAL A 22 2.09 0.69 6.23
N TYR A 23 2.82 0.04 5.34
CA TYR A 23 3.20 0.66 4.07
C TYR A 23 3.24 -0.40 2.96
N TYR A 24 2.82 0.01 1.76
CA TYR A 24 2.81 -0.89 0.61
C TYR A 24 4.05 -0.69 -0.24
N VAL A 25 4.45 -1.74 -0.94
CA VAL A 25 5.62 -1.68 -1.82
C VAL A 25 5.31 -2.22 -3.21
N ASP A 26 5.47 -1.38 -4.21
CA ASP A 26 5.20 -1.76 -5.59
C ASP A 26 6.45 -2.37 -6.24
N HIS A 27 6.33 -3.63 -6.66
CA HIS A 27 7.45 -4.32 -7.29
C HIS A 27 7.60 -3.89 -8.75
N VAL A 28 6.69 -3.04 -9.21
CA VAL A 28 6.73 -2.55 -10.58
C VAL A 28 7.28 -1.14 -10.64
N GLU A 29 6.74 -0.26 -9.80
CA GLU A 29 7.18 1.13 -9.77
C GLU A 29 8.32 1.31 -8.78
N LYS A 30 8.43 0.38 -7.83
CA LYS A 30 9.47 0.43 -6.83
C LYS A 30 9.31 1.67 -5.94
N ARG A 31 8.14 1.82 -5.35
CA ARG A 31 7.86 2.95 -4.47
C ARG A 31 7.29 2.48 -3.14
N THR A 32 7.56 3.24 -2.08
CA THR A 32 7.08 2.91 -0.75
C THR A 32 6.15 4.00 -0.21
N THR A 33 4.98 3.58 0.27
CA THR A 33 4.01 4.52 0.82
C THR A 33 3.25 3.91 1.99
N TRP A 34 3.01 4.72 3.01
CA TRP A 34 2.29 4.26 4.20
C TRP A 34 0.80 4.09 3.91
N ASP A 35 0.29 4.90 2.98
CA ASP A 35 -1.11 4.84 2.60
C ASP A 35 -1.28 4.20 1.24
N ARG A 36 -2.54 4.07 0.81
CA ARG A 36 -2.83 3.46 -0.49
C ARG A 36 -2.20 4.25 -1.62
N PRO A 37 -2.02 3.59 -2.78
CA PRO A 37 -1.41 4.21 -3.96
C PRO A 37 -2.31 5.26 -4.59
N SER A 38 -2.26 6.48 -4.04
CA SER A 38 -3.08 7.57 -4.55
C SER A 38 -2.23 8.79 -4.84
N GLY A 39 -2.37 9.34 -6.05
CA GLY A 39 -1.60 10.50 -6.43
C GLY A 39 -0.88 10.32 -7.76
N PRO A 40 0.03 11.24 -8.07
CA PRO A 40 0.81 11.20 -9.31
C PRO A 40 1.83 10.07 -9.32
N SER A 41 2.66 10.03 -10.36
CA SER A 41 3.68 8.99 -10.49
C SER A 41 5.03 9.49 -10.00
N SER A 42 5.40 10.69 -10.44
CA SER A 42 6.67 11.29 -10.05
C SER A 42 6.77 11.43 -8.53
N GLY A 43 7.88 10.97 -7.97
CA GLY A 43 8.07 11.06 -6.53
C GLY A 43 8.11 12.50 -6.03
N GLY A 1 -5.71 0.38 11.37
CA GLY A 1 -5.71 0.83 9.99
C GLY A 1 -7.00 0.49 9.26
N SER A 2 -6.96 -0.55 8.44
CA SER A 2 -8.14 -0.98 7.69
C SER A 2 -8.88 -2.08 8.42
N SER A 3 -10.16 -1.84 8.71
CA SER A 3 -10.98 -2.81 9.42
C SER A 3 -11.71 -3.72 8.43
N GLY A 4 -11.92 -4.97 8.83
CA GLY A 4 -12.61 -5.91 7.97
C GLY A 4 -11.70 -6.51 6.91
N SER A 5 -12.29 -7.11 5.89
CA SER A 5 -11.53 -7.72 4.81
C SER A 5 -10.89 -6.66 3.92
N SER A 6 -9.57 -6.52 4.02
CA SER A 6 -8.83 -5.54 3.23
C SER A 6 -7.60 -6.17 2.60
N GLY A 7 -7.29 -5.75 1.38
CA GLY A 7 -6.13 -6.28 0.69
C GLY A 7 -5.44 -5.23 -0.16
N LEU A 8 -4.81 -5.67 -1.25
CA LEU A 8 -4.10 -4.77 -2.14
C LEU A 8 -4.23 -5.22 -3.59
N PRO A 9 -4.04 -4.28 -4.52
CA PRO A 9 -4.13 -4.55 -5.95
C PRO A 9 -2.98 -5.41 -6.46
N PRO A 10 -3.11 -5.92 -7.69
CA PRO A 10 -2.08 -6.77 -8.32
C PRO A 10 -0.82 -5.98 -8.66
N GLY A 11 0.25 -6.25 -7.92
CA GLY A 11 1.50 -5.56 -8.16
C GLY A 11 2.01 -4.82 -6.94
N TRP A 12 1.13 -4.64 -5.95
CA TRP A 12 1.50 -3.94 -4.73
C TRP A 12 1.68 -4.93 -3.57
N GLU A 13 2.65 -4.65 -2.71
CA GLU A 13 2.93 -5.52 -1.57
C GLU A 13 2.50 -4.86 -0.27
N GLN A 14 2.47 -5.63 0.80
CA GLN A 14 2.08 -5.11 2.11
C GLN A 14 3.12 -5.46 3.17
N ARG A 15 3.66 -4.42 3.81
CA ARG A 15 4.68 -4.62 4.84
C ARG A 15 4.52 -3.58 5.95
N VAL A 16 5.29 -3.75 7.02
CA VAL A 16 5.24 -2.83 8.15
C VAL A 16 6.64 -2.44 8.60
N ASP A 17 6.77 -1.23 9.14
CA ASP A 17 8.06 -0.74 9.61
C ASP A 17 8.24 -1.03 11.09
N GLN A 18 9.38 -0.60 11.64
CA GLN A 18 9.67 -0.82 13.05
C GLN A 18 8.91 0.15 13.93
N HIS A 19 8.18 1.07 13.30
CA HIS A 19 7.40 2.06 14.01
C HIS A 19 5.95 1.60 14.19
N GLY A 20 5.51 0.73 13.28
CA GLY A 20 4.15 0.23 13.34
C GLY A 20 3.25 0.86 12.29
N ARG A 21 3.86 1.53 11.33
CA ARG A 21 3.12 2.19 10.26
C ARG A 21 3.09 1.32 9.00
N VAL A 22 1.94 0.75 8.70
CA VAL A 22 1.78 -0.10 7.53
C VAL A 22 2.09 0.67 6.24
N TYR A 23 2.83 0.04 5.34
CA TYR A 23 3.20 0.67 4.08
C TYR A 23 3.25 -0.36 2.95
N TYR A 24 2.82 0.05 1.76
CA TYR A 24 2.81 -0.83 0.61
C TYR A 24 4.06 -0.62 -0.24
N VAL A 25 4.48 -1.68 -0.94
CA VAL A 25 5.66 -1.61 -1.80
C VAL A 25 5.35 -2.13 -3.20
N ASP A 26 5.51 -1.27 -4.19
CA ASP A 26 5.26 -1.65 -5.57
C ASP A 26 6.48 -2.32 -6.19
N HIS A 27 6.28 -3.53 -6.72
CA HIS A 27 7.37 -4.27 -7.34
C HIS A 27 7.55 -3.86 -8.80
N VAL A 28 6.57 -3.15 -9.34
CA VAL A 28 6.63 -2.68 -10.72
C VAL A 28 7.00 -1.21 -10.79
N GLU A 29 6.72 -0.49 -9.71
CA GLU A 29 7.03 0.95 -9.66
C GLU A 29 8.21 1.21 -8.73
N LYS A 30 8.43 0.30 -7.78
CA LYS A 30 9.52 0.43 -6.83
C LYS A 30 9.33 1.67 -5.95
N ARG A 31 8.18 1.76 -5.31
CA ARG A 31 7.89 2.89 -4.44
C ARG A 31 7.30 2.43 -3.10
N THR A 32 7.55 3.20 -2.05
CA THR A 32 7.06 2.87 -0.73
C THR A 32 6.17 3.97 -0.18
N THR A 33 4.98 3.59 0.31
CA THR A 33 4.04 4.56 0.86
C THR A 33 3.27 3.95 2.03
N TRP A 34 3.01 4.77 3.05
CA TRP A 34 2.28 4.32 4.22
C TRP A 34 0.78 4.21 3.93
N ASP A 35 0.32 4.95 2.91
CA ASP A 35 -1.08 4.94 2.53
C ASP A 35 -1.28 4.17 1.22
N ARG A 36 -2.51 4.16 0.73
CA ARG A 36 -2.83 3.45 -0.50
C ARG A 36 -2.35 4.24 -1.72
N PRO A 37 -2.09 3.52 -2.81
CA PRO A 37 -1.62 4.13 -4.07
C PRO A 37 -2.70 4.96 -4.75
N SER A 38 -2.29 5.86 -5.64
CA SER A 38 -3.22 6.72 -6.35
C SER A 38 -3.60 6.11 -7.70
N GLY A 39 -2.66 5.38 -8.29
CA GLY A 39 -2.90 4.75 -9.58
C GLY A 39 -1.80 3.79 -9.97
N PRO A 40 -1.96 3.14 -11.14
CA PRO A 40 -0.98 2.18 -11.65
C PRO A 40 0.32 2.85 -12.08
N SER A 41 0.22 4.08 -12.57
CA SER A 41 1.38 4.83 -13.02
C SER A 41 1.58 6.09 -12.18
N SER A 42 0.73 7.09 -12.40
CA SER A 42 0.81 8.34 -11.67
C SER A 42 2.18 8.99 -11.85
N GLY A 43 2.77 8.79 -13.03
CA GLY A 43 4.07 9.36 -13.32
C GLY A 43 5.19 8.35 -13.17
N GLY A 1 -20.82 1.52 5.24
CA GLY A 1 -19.51 2.01 4.83
C GLY A 1 -18.45 0.92 4.86
N SER A 2 -17.93 0.57 3.69
CA SER A 2 -16.90 -0.46 3.59
C SER A 2 -15.54 0.15 3.31
N SER A 3 -14.50 -0.38 3.95
CA SER A 3 -13.15 0.12 3.76
C SER A 3 -12.22 -1.00 3.29
N GLY A 4 -11.27 -0.65 2.43
CA GLY A 4 -10.34 -1.63 1.91
C GLY A 4 -10.88 -2.37 0.71
N SER A 5 -10.05 -2.55 -0.31
CA SER A 5 -10.45 -3.24 -1.53
C SER A 5 -9.85 -4.64 -1.58
N SER A 6 -10.36 -5.53 -0.73
CA SER A 6 -9.89 -6.90 -0.67
C SER A 6 -8.38 -6.94 -0.40
N GLY A 7 -7.89 -5.91 0.29
CA GLY A 7 -6.47 -5.85 0.60
C GLY A 7 -5.73 -4.85 -0.27
N LEU A 8 -5.11 -5.35 -1.34
CA LEU A 8 -4.36 -4.49 -2.25
C LEU A 8 -4.46 -5.00 -3.69
N PRO A 9 -4.24 -4.10 -4.66
CA PRO A 9 -4.29 -4.45 -6.07
C PRO A 9 -3.12 -5.34 -6.50
N PRO A 10 -3.22 -5.91 -7.71
CA PRO A 10 -2.20 -6.80 -8.26
C PRO A 10 -0.91 -6.05 -8.61
N GLY A 11 0.15 -6.31 -7.85
CA GLY A 11 1.41 -5.64 -8.10
C GLY A 11 1.93 -4.90 -6.87
N TRP A 12 1.06 -4.72 -5.89
CA TRP A 12 1.44 -4.03 -4.67
C TRP A 12 1.62 -5.01 -3.51
N GLU A 13 2.59 -4.73 -2.64
CA GLU A 13 2.86 -5.59 -1.50
C GLU A 13 2.43 -4.92 -0.20
N GLN A 14 2.41 -5.69 0.87
CA GLN A 14 2.01 -5.17 2.18
C GLN A 14 3.05 -5.50 3.24
N ARG A 15 3.62 -4.47 3.84
CA ARG A 15 4.65 -4.64 4.87
C ARG A 15 4.50 -3.58 5.96
N VAL A 16 5.27 -3.75 7.04
CA VAL A 16 5.22 -2.80 8.15
C VAL A 16 6.64 -2.41 8.59
N ASP A 17 6.77 -1.19 9.10
CA ASP A 17 8.06 -0.69 9.55
C ASP A 17 8.25 -0.98 11.04
N GLN A 18 9.40 -0.56 11.57
CA GLN A 18 9.72 -0.78 12.98
C GLN A 18 8.95 0.21 13.86
N HIS A 19 8.22 1.13 13.23
CA HIS A 19 7.45 2.13 13.96
C HIS A 19 6.01 1.66 14.14
N GLY A 20 5.56 0.78 13.27
CA GLY A 20 4.20 0.26 13.35
C GLY A 20 3.29 0.86 12.30
N ARG A 21 3.88 1.56 11.34
CA ARG A 21 3.12 2.19 10.27
C ARG A 21 3.11 1.32 9.02
N VAL A 22 1.95 0.72 8.73
CA VAL A 22 1.81 -0.14 7.56
C VAL A 22 2.11 0.63 6.27
N TYR A 23 2.83 -0.01 5.36
CA TYR A 23 3.18 0.61 4.09
C TYR A 23 3.24 -0.43 2.98
N TYR A 24 2.82 -0.03 1.78
CA TYR A 24 2.82 -0.92 0.62
C TYR A 24 4.07 -0.71 -0.23
N VAL A 25 4.48 -1.75 -0.95
CA VAL A 25 5.64 -1.68 -1.81
C VAL A 25 5.34 -2.21 -3.20
N ASP A 26 5.50 -1.36 -4.20
CA ASP A 26 5.24 -1.73 -5.59
C ASP A 26 6.49 -2.32 -6.23
N HIS A 27 6.37 -3.56 -6.72
CA HIS A 27 7.50 -4.23 -7.36
C HIS A 27 7.62 -3.82 -8.82
N VAL A 28 6.69 -2.98 -9.27
CA VAL A 28 6.70 -2.51 -10.64
C VAL A 28 7.26 -1.09 -10.74
N GLU A 29 6.87 -0.25 -9.78
CA GLU A 29 7.34 1.14 -9.77
C GLU A 29 8.46 1.31 -8.74
N LYS A 30 8.54 0.38 -7.80
CA LYS A 30 9.56 0.44 -6.75
C LYS A 30 9.38 1.68 -5.88
N ARG A 31 8.19 1.82 -5.32
CA ARG A 31 7.87 2.96 -4.46
C ARG A 31 7.30 2.49 -3.13
N THR A 32 7.56 3.26 -2.07
CA THR A 32 7.07 2.92 -0.74
C THR A 32 6.13 4.00 -0.21
N THR A 33 4.96 3.58 0.26
CA THR A 33 3.97 4.50 0.80
C THR A 33 3.22 3.88 1.97
N TRP A 34 2.96 4.69 2.99
CA TRP A 34 2.24 4.22 4.17
C TRP A 34 0.75 4.05 3.88
N ASP A 35 0.26 4.81 2.90
CA ASP A 35 -1.14 4.75 2.52
C ASP A 35 -1.30 4.09 1.15
N ARG A 36 -2.54 4.05 0.67
CA ARG A 36 -2.83 3.45 -0.63
C ARG A 36 -2.26 4.29 -1.77
N PRO A 37 -2.09 3.67 -2.94
CA PRO A 37 -1.56 4.34 -4.13
C PRO A 37 -2.53 5.39 -4.70
N SER A 38 -2.19 6.65 -4.52
CA SER A 38 -3.03 7.74 -5.01
C SER A 38 -2.35 8.47 -6.17
N GLY A 39 -2.77 8.13 -7.39
CA GLY A 39 -2.20 8.76 -8.57
C GLY A 39 -3.00 8.47 -9.83
N PRO A 40 -2.66 9.16 -10.92
CA PRO A 40 -3.33 8.99 -12.21
C PRO A 40 -3.03 7.63 -12.84
N SER A 41 -3.89 6.65 -12.56
CA SER A 41 -3.71 5.32 -13.10
C SER A 41 -5.01 4.81 -13.74
N SER A 42 -5.45 5.50 -14.79
CA SER A 42 -6.66 5.13 -15.49
C SER A 42 -6.46 5.17 -17.01
N GLY A 43 -6.75 4.05 -17.67
CA GLY A 43 -6.59 3.97 -19.11
C GLY A 43 -6.11 2.60 -19.56
N GLY A 1 -20.63 -1.36 6.43
CA GLY A 1 -19.44 -1.99 6.94
C GLY A 1 -18.40 -2.23 5.86
N SER A 2 -18.17 -3.49 5.52
CA SER A 2 -17.20 -3.84 4.50
C SER A 2 -17.74 -4.94 3.59
N SER A 3 -17.64 -4.72 2.29
CA SER A 3 -18.13 -5.69 1.31
C SER A 3 -16.99 -6.14 0.40
N GLY A 4 -16.89 -7.46 0.21
CA GLY A 4 -15.84 -8.02 -0.63
C GLY A 4 -14.55 -8.25 0.12
N SER A 5 -13.43 -8.14 -0.58
CA SER A 5 -12.12 -8.34 0.03
C SER A 5 -11.35 -7.04 0.11
N SER A 6 -10.89 -6.70 1.31
CA SER A 6 -10.13 -5.47 1.53
C SER A 6 -8.63 -5.76 1.62
N GLY A 7 -7.95 -5.68 0.48
CA GLY A 7 -6.53 -5.94 0.46
C GLY A 7 -5.77 -4.92 -0.37
N LEU A 8 -5.14 -5.40 -1.44
CA LEU A 8 -4.38 -4.52 -2.32
C LEU A 8 -4.40 -5.04 -3.76
N PRO A 9 -4.15 -4.13 -4.71
CA PRO A 9 -4.13 -4.47 -6.15
C PRO A 9 -2.94 -5.35 -6.52
N PRO A 10 -2.98 -5.90 -7.75
CA PRO A 10 -1.90 -6.76 -8.26
C PRO A 10 -0.61 -5.99 -8.52
N GLY A 11 0.44 -6.35 -7.80
CA GLY A 11 1.72 -5.68 -7.97
C GLY A 11 2.15 -4.91 -6.73
N TRP A 12 1.20 -4.67 -5.83
CA TRP A 12 1.49 -3.95 -4.60
C TRP A 12 1.61 -4.91 -3.42
N GLU A 13 2.56 -4.61 -2.52
CA GLU A 13 2.78 -5.45 -1.35
C GLU A 13 2.30 -4.75 -0.09
N GLN A 14 2.42 -5.44 1.04
CA GLN A 14 1.99 -4.89 2.33
C GLN A 14 3.01 -5.20 3.42
N ARG A 15 3.74 -4.17 3.84
CA ARG A 15 4.76 -4.33 4.88
C ARG A 15 4.46 -3.43 6.08
N VAL A 16 5.27 -3.55 7.12
CA VAL A 16 5.10 -2.74 8.32
C VAL A 16 6.44 -2.41 8.96
N ASP A 17 6.80 -1.13 8.92
CA ASP A 17 8.06 -0.67 9.50
C ASP A 17 8.16 -1.06 10.97
N GLN A 18 9.31 -0.78 11.57
CA GLN A 18 9.53 -1.09 12.98
C GLN A 18 8.76 -0.13 13.88
N HIS A 19 8.17 0.89 13.28
CA HIS A 19 7.40 1.89 14.02
C HIS A 19 5.94 1.46 14.14
N GLY A 20 5.51 0.58 13.24
CA GLY A 20 4.13 0.10 13.27
C GLY A 20 3.29 0.74 12.18
N ARG A 21 3.92 1.53 11.32
CA ARG A 21 3.22 2.19 10.23
C ARG A 21 3.21 1.32 8.99
N VAL A 22 2.07 0.72 8.70
CA VAL A 22 1.93 -0.15 7.52
C VAL A 22 2.19 0.64 6.24
N TYR A 23 2.95 0.03 5.33
CA TYR A 23 3.26 0.68 4.06
C TYR A 23 3.34 -0.36 2.93
N TYR A 24 2.79 0.00 1.78
CA TYR A 24 2.80 -0.90 0.63
C TYR A 24 4.05 -0.68 -0.22
N VAL A 25 4.45 -1.73 -0.94
CA VAL A 25 5.63 -1.65 -1.80
C VAL A 25 5.33 -2.18 -3.20
N ASP A 26 5.49 -1.32 -4.19
CA ASP A 26 5.24 -1.69 -5.57
C ASP A 26 6.50 -2.29 -6.21
N HIS A 27 6.38 -3.54 -6.65
CA HIS A 27 7.50 -4.23 -7.29
C HIS A 27 7.61 -3.87 -8.76
N VAL A 28 6.63 -3.11 -9.25
CA VAL A 28 6.60 -2.70 -10.65
C VAL A 28 7.06 -1.25 -10.79
N GLU A 29 6.67 -0.41 -9.84
CA GLU A 29 7.04 1.00 -9.86
C GLU A 29 8.19 1.28 -8.90
N LYS A 30 8.41 0.37 -7.96
CA LYS A 30 9.48 0.51 -6.99
C LYS A 30 9.27 1.75 -6.11
N ARG A 31 8.11 1.81 -5.46
CA ARG A 31 7.77 2.93 -4.59
C ARG A 31 7.19 2.44 -3.27
N THR A 32 7.45 3.20 -2.21
CA THR A 32 6.96 2.85 -0.88
C THR A 32 6.06 3.95 -0.31
N THR A 33 4.91 3.56 0.20
CA THR A 33 3.97 4.51 0.78
C THR A 33 3.24 3.90 1.98
N TRP A 34 3.04 4.71 3.01
CA TRP A 34 2.36 4.26 4.22
C TRP A 34 0.86 4.06 3.95
N ASP A 35 0.36 4.69 2.90
CA ASP A 35 -1.04 4.58 2.54
C ASP A 35 -1.20 4.06 1.11
N ARG A 36 -2.44 3.85 0.70
CA ARG A 36 -2.73 3.36 -0.65
C ARG A 36 -2.08 4.25 -1.70
N PRO A 37 -1.91 3.70 -2.92
CA PRO A 37 -1.31 4.43 -4.03
C PRO A 37 -2.21 5.56 -4.55
N SER A 38 -1.78 6.80 -4.33
CA SER A 38 -2.54 7.96 -4.76
C SER A 38 -2.38 8.19 -6.26
N GLY A 39 -1.15 8.00 -6.75
CA GLY A 39 -0.88 8.19 -8.16
C GLY A 39 0.49 8.80 -8.40
N PRO A 40 0.77 9.16 -9.67
CA PRO A 40 2.04 9.76 -10.07
C PRO A 40 2.20 11.18 -9.53
N SER A 41 2.66 11.30 -8.28
CA SER A 41 2.85 12.59 -7.66
C SER A 41 4.02 12.55 -6.68
N SER A 42 4.74 13.66 -6.58
CA SER A 42 5.89 13.76 -5.68
C SER A 42 5.50 13.40 -4.25
N GLY A 43 4.35 13.92 -3.82
CA GLY A 43 3.87 13.63 -2.48
C GLY A 43 3.21 14.83 -1.84
N GLY A 1 -18.21 -3.38 3.15
CA GLY A 1 -17.43 -3.51 1.94
C GLY A 1 -17.94 -4.63 1.04
N SER A 2 -17.15 -5.01 0.05
CA SER A 2 -17.52 -6.07 -0.88
C SER A 2 -16.32 -6.53 -1.69
N SER A 3 -16.51 -7.60 -2.45
CA SER A 3 -15.44 -8.14 -3.29
C SER A 3 -15.00 -7.14 -4.34
N GLY A 4 -13.72 -6.79 -4.33
CA GLY A 4 -13.20 -5.83 -5.29
C GLY A 4 -12.00 -5.07 -4.76
N SER A 5 -12.15 -4.49 -3.57
CA SER A 5 -11.07 -3.72 -2.96
C SER A 5 -10.61 -4.37 -1.66
N SER A 6 -10.34 -5.67 -1.73
CA SER A 6 -9.90 -6.42 -0.56
C SER A 6 -8.39 -6.64 -0.60
N GLY A 7 -7.69 -6.08 0.38
CA GLY A 7 -6.25 -6.22 0.44
C GLY A 7 -5.52 -5.18 -0.38
N LEU A 8 -4.88 -5.61 -1.47
CA LEU A 8 -4.16 -4.70 -2.34
C LEU A 8 -4.23 -5.16 -3.79
N PRO A 9 -4.02 -4.22 -4.72
CA PRO A 9 -4.06 -4.50 -6.16
C PRO A 9 -2.88 -5.36 -6.62
N PRO A 10 -2.96 -5.87 -7.85
CA PRO A 10 -1.91 -6.72 -8.44
C PRO A 10 -0.64 -5.93 -8.74
N GLY A 11 0.40 -6.17 -7.95
CA GLY A 11 1.66 -5.48 -8.16
C GLY A 11 2.12 -4.74 -6.92
N TRP A 12 1.23 -4.61 -5.94
CA TRP A 12 1.55 -3.92 -4.70
C TRP A 12 1.72 -4.90 -3.55
N GLU A 13 2.68 -4.64 -2.67
CA GLU A 13 2.94 -5.51 -1.54
C GLU A 13 2.50 -4.85 -0.23
N GLN A 14 2.47 -5.63 0.84
CA GLN A 14 2.07 -5.11 2.14
C GLN A 14 3.11 -5.45 3.20
N ARG A 15 3.67 -4.41 3.83
CA ARG A 15 4.69 -4.60 4.86
C ARG A 15 4.54 -3.56 5.97
N VAL A 16 5.28 -3.74 7.04
CA VAL A 16 5.23 -2.81 8.17
C VAL A 16 6.65 -2.43 8.63
N ASP A 17 6.78 -1.23 9.16
CA ASP A 17 8.07 -0.73 9.64
C ASP A 17 8.25 -1.04 11.12
N GLN A 18 9.38 -0.62 11.68
CA GLN A 18 9.67 -0.85 13.09
C GLN A 18 8.91 0.13 13.96
N HIS A 19 8.20 1.05 13.33
CA HIS A 19 7.42 2.06 14.05
C HIS A 19 5.98 1.61 14.22
N GLY A 20 5.52 0.74 13.32
CA GLY A 20 4.16 0.26 13.38
C GLY A 20 3.27 0.89 12.32
N ARG A 21 3.89 1.58 11.36
CA ARG A 21 3.15 2.23 10.28
C ARG A 21 3.13 1.36 9.03
N VAL A 22 1.96 0.79 8.73
CA VAL A 22 1.80 -0.07 7.57
C VAL A 22 2.10 0.70 6.28
N TYR A 23 2.83 0.06 5.37
CA TYR A 23 3.20 0.68 4.11
C TYR A 23 3.25 -0.36 2.99
N TYR A 24 2.83 0.05 1.80
CA TYR A 24 2.83 -0.84 0.65
C TYR A 24 4.08 -0.63 -0.21
N VAL A 25 4.49 -1.68 -0.91
CA VAL A 25 5.67 -1.62 -1.76
C VAL A 25 5.36 -2.14 -3.16
N ASP A 26 5.47 -1.26 -4.16
CA ASP A 26 5.20 -1.62 -5.54
C ASP A 26 6.43 -2.31 -6.17
N HIS A 27 6.21 -3.50 -6.73
CA HIS A 27 7.29 -4.26 -7.35
C HIS A 27 7.46 -3.83 -8.81
N VAL A 28 6.44 -3.19 -9.36
CA VAL A 28 6.48 -2.75 -10.75
C VAL A 28 6.87 -1.27 -10.84
N GLU A 29 6.64 -0.54 -9.75
CA GLU A 29 6.96 0.87 -9.71
C GLU A 29 8.15 1.15 -8.77
N LYS A 30 8.36 0.24 -7.84
CA LYS A 30 9.46 0.36 -6.88
C LYS A 30 9.27 1.60 -6.00
N ARG A 31 8.12 1.69 -5.35
CA ARG A 31 7.82 2.82 -4.48
C ARG A 31 7.22 2.35 -3.15
N THR A 32 7.46 3.11 -2.09
CA THR A 32 6.95 2.77 -0.78
C THR A 32 6.09 3.90 -0.21
N THR A 33 4.92 3.54 0.29
CA THR A 33 4.00 4.53 0.86
C THR A 33 3.24 3.95 2.05
N TRP A 34 3.03 4.77 3.08
CA TRP A 34 2.31 4.33 4.27
C TRP A 34 0.81 4.22 3.99
N ASP A 35 0.34 4.95 2.98
CA ASP A 35 -1.07 4.93 2.62
C ASP A 35 -1.29 4.15 1.33
N ARG A 36 -2.53 4.13 0.85
CA ARG A 36 -2.86 3.42 -0.38
C ARG A 36 -2.47 4.23 -1.61
N PRO A 37 -2.21 3.54 -2.72
CA PRO A 37 -1.82 4.18 -3.98
C PRO A 37 -2.97 4.95 -4.62
N SER A 38 -4.19 4.64 -4.19
CA SER A 38 -5.38 5.31 -4.72
C SER A 38 -5.27 6.82 -4.56
N GLY A 39 -5.17 7.27 -3.31
CA GLY A 39 -5.07 8.69 -3.03
C GLY A 39 -6.37 9.29 -2.55
N PRO A 40 -6.45 10.62 -2.53
CA PRO A 40 -7.64 11.35 -2.09
C PRO A 40 -8.81 11.19 -3.06
N SER A 41 -9.98 10.88 -2.52
CA SER A 41 -11.17 10.70 -3.34
C SER A 41 -11.57 12.02 -4.02
N SER A 42 -11.84 13.02 -3.21
CA SER A 42 -12.23 14.34 -3.73
C SER A 42 -11.87 15.45 -2.74
N GLY A 43 -11.17 16.46 -3.24
CA GLY A 43 -10.79 17.57 -2.39
C GLY A 43 -11.96 18.21 -1.68
N GLY A 1 -7.59 4.89 13.28
CA GLY A 1 -6.88 4.81 12.02
C GLY A 1 -7.82 4.76 10.83
N SER A 2 -8.21 3.56 10.44
CA SER A 2 -9.11 3.37 9.30
C SER A 2 -10.26 2.45 9.67
N SER A 3 -11.25 2.35 8.77
CA SER A 3 -12.41 1.50 9.00
C SER A 3 -12.19 0.12 8.41
N GLY A 4 -11.25 -0.62 8.99
CA GLY A 4 -10.95 -1.96 8.50
C GLY A 4 -10.15 -1.95 7.22
N SER A 5 -9.81 -3.14 6.74
CA SER A 5 -9.02 -3.26 5.51
C SER A 5 -9.26 -4.62 4.85
N SER A 6 -9.16 -4.65 3.52
CA SER A 6 -9.36 -5.88 2.78
C SER A 6 -8.03 -6.46 2.30
N GLY A 7 -7.44 -5.82 1.30
CA GLY A 7 -6.17 -6.30 0.78
C GLY A 7 -5.47 -5.25 -0.09
N LEU A 8 -4.86 -5.70 -1.18
CA LEU A 8 -4.16 -4.79 -2.08
C LEU A 8 -4.30 -5.25 -3.53
N PRO A 9 -4.13 -4.31 -4.47
CA PRO A 9 -4.23 -4.61 -5.91
C PRO A 9 -3.07 -5.47 -6.41
N PRO A 10 -3.21 -5.98 -7.64
CA PRO A 10 -2.19 -6.84 -8.26
C PRO A 10 -0.94 -6.05 -8.63
N GLY A 11 0.14 -6.30 -7.89
CA GLY A 11 1.40 -5.62 -8.15
C GLY A 11 1.92 -4.88 -6.93
N TRP A 12 1.05 -4.69 -5.94
CA TRP A 12 1.43 -3.99 -4.72
C TRP A 12 1.63 -4.97 -3.56
N GLU A 13 2.61 -4.69 -2.72
CA GLU A 13 2.89 -5.55 -1.57
C GLU A 13 2.46 -4.88 -0.27
N GLN A 14 2.46 -5.66 0.81
CA GLN A 14 2.06 -5.14 2.12
C GLN A 14 3.11 -5.48 3.18
N ARG A 15 3.66 -4.45 3.80
CA ARG A 15 4.68 -4.63 4.83
C ARG A 15 4.53 -3.59 5.93
N VAL A 16 5.29 -3.75 7.00
CA VAL A 16 5.25 -2.83 8.13
C VAL A 16 6.66 -2.43 8.57
N ASP A 17 6.78 -1.22 9.10
CA ASP A 17 8.07 -0.71 9.56
C ASP A 17 8.26 -1.01 11.05
N GLN A 18 9.41 -0.57 11.58
CA GLN A 18 9.71 -0.79 12.99
C GLN A 18 8.94 0.18 13.88
N HIS A 19 8.20 1.09 13.24
CA HIS A 19 7.42 2.08 13.97
C HIS A 19 5.98 1.62 14.14
N GLY A 20 5.54 0.75 13.24
CA GLY A 20 4.17 0.25 13.32
C GLY A 20 3.28 0.87 12.27
N ARG A 21 3.88 1.54 11.30
CA ARG A 21 3.12 2.19 10.23
C ARG A 21 3.09 1.33 8.97
N VAL A 22 1.94 0.74 8.69
CA VAL A 22 1.77 -0.11 7.51
C VAL A 22 2.06 0.66 6.24
N TYR A 23 2.80 0.04 5.33
CA TYR A 23 3.15 0.66 4.05
C TYR A 23 3.20 -0.37 2.93
N TYR A 24 2.76 0.04 1.75
CA TYR A 24 2.74 -0.85 0.59
C TYR A 24 4.00 -0.65 -0.26
N VAL A 25 4.41 -1.70 -0.95
CA VAL A 25 5.59 -1.64 -1.82
C VAL A 25 5.28 -2.18 -3.20
N ASP A 26 5.44 -1.32 -4.22
CA ASP A 26 5.18 -1.72 -5.59
C ASP A 26 6.43 -2.32 -6.23
N HIS A 27 6.33 -3.57 -6.68
CA HIS A 27 7.45 -4.25 -7.31
C HIS A 27 7.61 -3.81 -8.76
N VAL A 28 6.68 -2.99 -9.23
CA VAL A 28 6.72 -2.50 -10.60
C VAL A 28 7.24 -1.07 -10.65
N GLU A 29 6.76 -0.24 -9.72
CA GLU A 29 7.17 1.15 -9.67
C GLU A 29 8.36 1.33 -8.72
N LYS A 30 8.53 0.38 -7.80
CA LYS A 30 9.63 0.44 -6.84
C LYS A 30 9.49 1.64 -5.93
N ARG A 31 8.35 1.76 -5.27
CA ARG A 31 8.10 2.87 -4.37
C ARG A 31 7.46 2.38 -3.07
N THR A 32 7.59 3.17 -2.00
CA THR A 32 7.03 2.81 -0.71
C THR A 32 6.15 3.93 -0.17
N THR A 33 4.96 3.55 0.31
CA THR A 33 4.02 4.53 0.85
C THR A 33 3.24 3.94 2.02
N TRP A 34 2.97 4.76 3.03
CA TRP A 34 2.23 4.32 4.20
C TRP A 34 0.74 4.23 3.90
N ASP A 35 0.30 4.98 2.88
CA ASP A 35 -1.11 4.98 2.49
C ASP A 35 -1.32 4.19 1.20
N ARG A 36 -2.55 4.20 0.71
CA ARG A 36 -2.88 3.48 -0.52
C ARG A 36 -2.40 4.26 -1.74
N PRO A 37 -2.14 3.54 -2.84
CA PRO A 37 -1.68 4.14 -4.10
C PRO A 37 -2.76 4.96 -4.78
N SER A 38 -2.34 5.91 -5.61
CA SER A 38 -3.26 6.77 -6.33
C SER A 38 -4.19 7.50 -5.35
N GLY A 39 -3.64 7.93 -4.23
CA GLY A 39 -4.42 8.63 -3.23
C GLY A 39 -5.65 7.85 -2.81
N PRO A 40 -6.55 8.52 -2.06
CA PRO A 40 -7.78 7.90 -1.58
C PRO A 40 -8.77 7.62 -2.70
N SER A 41 -8.75 6.41 -3.23
CA SER A 41 -9.64 6.02 -4.31
C SER A 41 -11.09 5.99 -3.83
N SER A 42 -11.94 6.81 -4.45
CA SER A 42 -13.34 6.88 -4.09
C SER A 42 -14.14 5.77 -4.76
N GLY A 43 -13.78 5.47 -6.01
CA GLY A 43 -14.47 4.42 -6.74
C GLY A 43 -15.74 4.92 -7.42
N GLY A 1 -17.63 -17.10 -0.25
CA GLY A 1 -17.03 -18.36 -0.65
C GLY A 1 -16.15 -18.22 -1.87
N SER A 2 -16.67 -17.53 -2.88
CA SER A 2 -15.92 -17.33 -4.12
C SER A 2 -15.40 -15.90 -4.23
N SER A 3 -16.32 -14.95 -4.09
CA SER A 3 -15.95 -13.53 -4.17
C SER A 3 -15.99 -12.89 -2.79
N GLY A 4 -14.87 -12.26 -2.41
CA GLY A 4 -14.79 -11.61 -1.11
C GLY A 4 -13.93 -10.37 -1.15
N SER A 5 -12.73 -10.47 -0.60
CA SER A 5 -11.80 -9.34 -0.56
C SER A 5 -10.36 -9.82 -0.47
N SER A 6 -9.52 -9.36 -1.39
CA SER A 6 -8.11 -9.74 -1.41
C SER A 6 -7.27 -8.76 -0.59
N GLY A 7 -7.53 -7.47 -0.80
CA GLY A 7 -6.78 -6.45 -0.08
C GLY A 7 -6.20 -5.41 -1.00
N LEU A 8 -4.94 -5.61 -1.39
CA LEU A 8 -4.26 -4.67 -2.28
C LEU A 8 -4.33 -5.15 -3.73
N PRO A 9 -4.15 -4.21 -4.68
CA PRO A 9 -4.18 -4.52 -6.10
C PRO A 9 -2.98 -5.33 -6.55
N PRO A 10 -3.03 -5.84 -7.80
CA PRO A 10 -1.95 -6.65 -8.37
C PRO A 10 -0.70 -5.83 -8.65
N GLY A 11 0.38 -6.14 -7.94
CA GLY A 11 1.62 -5.41 -8.13
C GLY A 11 2.06 -4.68 -6.88
N TRP A 12 1.17 -4.61 -5.89
CA TRP A 12 1.47 -3.93 -4.64
C TRP A 12 1.61 -4.92 -3.49
N GLU A 13 2.58 -4.67 -2.61
CA GLU A 13 2.81 -5.54 -1.47
C GLU A 13 2.35 -4.87 -0.17
N GLN A 14 2.31 -5.66 0.91
CA GLN A 14 1.90 -5.16 2.20
C GLN A 14 2.92 -5.51 3.28
N ARG A 15 3.50 -4.48 3.90
CA ARG A 15 4.49 -4.69 4.95
C ARG A 15 4.38 -3.60 6.02
N VAL A 16 5.13 -3.78 7.10
CA VAL A 16 5.11 -2.82 8.20
C VAL A 16 6.54 -2.44 8.61
N ASP A 17 6.70 -1.20 9.09
CA ASP A 17 8.00 -0.72 9.52
C ASP A 17 8.22 -0.99 11.00
N GLN A 18 9.39 -0.61 11.50
CA GLN A 18 9.71 -0.81 12.92
C GLN A 18 8.98 0.20 13.79
N HIS A 19 8.29 1.14 13.16
CA HIS A 19 7.54 2.15 13.88
C HIS A 19 6.10 1.70 14.13
N GLY A 20 5.62 0.79 13.28
CA GLY A 20 4.27 0.28 13.41
C GLY A 20 3.33 0.85 12.36
N ARG A 21 3.90 1.57 11.39
CA ARG A 21 3.12 2.17 10.32
C ARG A 21 3.11 1.26 9.08
N VAL A 22 1.92 0.79 8.71
CA VAL A 22 1.78 -0.07 7.55
C VAL A 22 2.10 0.68 6.26
N TYR A 23 2.83 0.01 5.37
CA TYR A 23 3.21 0.61 4.10
C TYR A 23 3.28 -0.44 3.00
N TYR A 24 2.87 -0.06 1.79
CA TYR A 24 2.89 -0.97 0.65
C TYR A 24 4.16 -0.78 -0.18
N VAL A 25 4.55 -1.82 -0.90
CA VAL A 25 5.74 -1.77 -1.74
C VAL A 25 5.43 -2.24 -3.15
N ASP A 26 5.62 -1.34 -4.13
CA ASP A 26 5.36 -1.67 -5.53
C ASP A 26 6.58 -2.32 -6.16
N HIS A 27 6.41 -3.55 -6.62
CA HIS A 27 7.50 -4.29 -7.26
C HIS A 27 7.69 -3.86 -8.71
N VAL A 28 6.69 -3.14 -9.23
CA VAL A 28 6.74 -2.66 -10.61
C VAL A 28 7.10 -1.18 -10.66
N GLU A 29 6.57 -0.41 -9.71
CA GLU A 29 6.85 1.02 -9.66
C GLU A 29 8.05 1.31 -8.75
N LYS A 30 8.35 0.36 -7.87
CA LYS A 30 9.47 0.52 -6.94
C LYS A 30 9.30 1.75 -6.06
N ARG A 31 8.16 1.82 -5.39
CA ARG A 31 7.86 2.94 -4.51
C ARG A 31 7.27 2.47 -3.19
N THR A 32 7.54 3.22 -2.12
CA THR A 32 7.04 2.87 -0.80
C THR A 32 6.10 3.95 -0.26
N THR A 33 4.94 3.53 0.22
CA THR A 33 3.96 4.46 0.75
C THR A 33 3.19 3.85 1.92
N TRP A 34 3.00 4.64 2.98
CA TRP A 34 2.28 4.17 4.16
C TRP A 34 0.81 3.95 3.86
N ASP A 35 0.33 4.56 2.78
CA ASP A 35 -1.06 4.44 2.38
C ASP A 35 -1.18 3.90 0.96
N ARG A 36 -2.41 3.77 0.48
CA ARG A 36 -2.65 3.26 -0.87
C ARG A 36 -2.05 4.19 -1.92
N PRO A 37 -1.84 3.66 -3.13
CA PRO A 37 -1.28 4.42 -4.24
C PRO A 37 -2.23 5.49 -4.77
N SER A 38 -3.50 5.36 -4.41
CA SER A 38 -4.52 6.32 -4.84
C SER A 38 -4.73 7.40 -3.79
N GLY A 39 -3.65 8.11 -3.45
CA GLY A 39 -3.74 9.17 -2.46
C GLY A 39 -2.98 10.41 -2.87
N PRO A 40 -3.14 11.49 -2.10
CA PRO A 40 -2.47 12.77 -2.38
C PRO A 40 -0.96 12.70 -2.13
N SER A 41 -0.19 13.12 -3.13
CA SER A 41 1.26 13.09 -3.03
C SER A 41 1.86 14.42 -3.48
N SER A 42 3.19 14.49 -3.52
CA SER A 42 3.88 15.70 -3.93
C SER A 42 4.75 15.45 -5.16
N GLY A 43 4.41 16.14 -6.26
CA GLY A 43 5.17 15.96 -7.48
C GLY A 43 4.27 15.80 -8.69
N GLY A 1 -22.42 -11.04 -0.10
CA GLY A 1 -21.07 -11.10 0.43
C GLY A 1 -20.25 -9.88 0.07
N SER A 2 -19.52 -9.34 1.04
CA SER A 2 -18.69 -8.16 0.81
C SER A 2 -17.45 -8.52 0.00
N SER A 3 -17.11 -7.67 -0.96
CA SER A 3 -15.94 -7.89 -1.81
C SER A 3 -15.49 -6.59 -2.47
N GLY A 4 -14.22 -6.26 -2.30
CA GLY A 4 -13.69 -5.05 -2.90
C GLY A 4 -12.21 -5.15 -3.21
N SER A 5 -11.40 -4.49 -2.38
CA SER A 5 -9.95 -4.50 -2.57
C SER A 5 -9.35 -5.81 -2.06
N SER A 6 -9.93 -6.35 -1.00
CA SER A 6 -9.45 -7.60 -0.42
C SER A 6 -7.97 -7.51 -0.09
N GLY A 7 -7.57 -6.41 0.54
CA GLY A 7 -6.17 -6.21 0.90
C GLY A 7 -5.49 -5.19 0.02
N LEU A 8 -4.92 -5.64 -1.09
CA LEU A 8 -4.23 -4.76 -2.02
C LEU A 8 -4.37 -5.25 -3.46
N PRO A 9 -4.19 -4.33 -4.41
CA PRO A 9 -4.30 -4.65 -5.84
C PRO A 9 -3.13 -5.52 -6.33
N PRO A 10 -3.27 -6.05 -7.55
CA PRO A 10 -2.24 -6.91 -8.15
C PRO A 10 -0.99 -6.14 -8.53
N GLY A 11 0.09 -6.41 -7.81
CA GLY A 11 1.35 -5.73 -8.08
C GLY A 11 1.87 -4.97 -6.87
N TRP A 12 1.02 -4.79 -5.87
CA TRP A 12 1.41 -4.08 -4.66
C TRP A 12 1.59 -5.05 -3.50
N GLU A 13 2.59 -4.78 -2.65
CA GLU A 13 2.88 -5.62 -1.51
C GLU A 13 2.48 -4.93 -0.21
N GLN A 14 2.34 -5.72 0.86
CA GLN A 14 1.96 -5.17 2.16
C GLN A 14 3.02 -5.49 3.21
N ARG A 15 3.61 -4.45 3.77
CA ARG A 15 4.64 -4.61 4.79
C ARG A 15 4.50 -3.56 5.89
N VAL A 16 5.26 -3.73 6.97
CA VAL A 16 5.22 -2.79 8.08
C VAL A 16 6.62 -2.44 8.55
N ASP A 17 6.78 -1.21 9.05
CA ASP A 17 8.07 -0.74 9.54
C ASP A 17 8.26 -1.08 11.01
N GLN A 18 9.39 -0.66 11.57
CA GLN A 18 9.69 -0.93 12.97
C GLN A 18 8.96 0.06 13.88
N HIS A 19 8.22 0.98 13.27
CA HIS A 19 7.47 1.97 14.01
C HIS A 19 6.00 1.55 14.18
N GLY A 20 5.53 0.71 13.26
CA GLY A 20 4.17 0.24 13.32
C GLY A 20 3.28 0.89 12.28
N ARG A 21 3.91 1.54 11.29
CA ARG A 21 3.18 2.21 10.23
C ARG A 21 3.13 1.35 8.96
N VAL A 22 1.97 0.77 8.69
CA VAL A 22 1.81 -0.08 7.52
C VAL A 22 2.07 0.70 6.23
N TYR A 23 2.79 0.08 5.31
CA TYR A 23 3.13 0.71 4.04
C TYR A 23 3.16 -0.32 2.91
N TYR A 24 2.72 0.11 1.73
CA TYR A 24 2.71 -0.78 0.56
C TYR A 24 3.95 -0.57 -0.28
N VAL A 25 4.36 -1.64 -0.98
CA VAL A 25 5.54 -1.58 -1.84
C VAL A 25 5.24 -2.15 -3.22
N ASP A 26 5.47 -1.35 -4.25
CA ASP A 26 5.24 -1.78 -5.63
C ASP A 26 6.52 -2.33 -6.25
N HIS A 27 6.43 -3.55 -6.77
CA HIS A 27 7.58 -4.19 -7.41
C HIS A 27 7.70 -3.77 -8.87
N VAL A 28 6.77 -2.95 -9.32
CA VAL A 28 6.77 -2.48 -10.70
C VAL A 28 7.31 -1.06 -10.80
N GLU A 29 7.04 -0.26 -9.77
CA GLU A 29 7.51 1.13 -9.74
C GLU A 29 8.60 1.31 -8.68
N LYS A 30 8.65 0.38 -7.73
CA LYS A 30 9.64 0.45 -6.66
C LYS A 30 9.43 1.68 -5.79
N ARG A 31 8.20 1.86 -5.31
CA ARG A 31 7.86 3.00 -4.46
C ARG A 31 7.29 2.53 -3.13
N THR A 32 7.55 3.31 -2.08
CA THR A 32 7.05 2.98 -0.75
C THR A 32 6.14 4.07 -0.22
N THR A 33 4.97 3.66 0.27
CA THR A 33 3.99 4.60 0.81
C THR A 33 3.25 4.01 2.00
N TRP A 34 3.01 4.82 3.02
CA TRP A 34 2.30 4.37 4.21
C TRP A 34 0.80 4.23 3.93
N ASP A 35 0.32 4.98 2.95
CA ASP A 35 -1.09 4.94 2.59
C ASP A 35 -1.28 4.31 1.20
N ARG A 36 -2.53 4.19 0.78
CA ARG A 36 -2.84 3.61 -0.52
C ARG A 36 -2.25 4.45 -1.64
N PRO A 37 -1.97 3.80 -2.79
CA PRO A 37 -1.40 4.46 -3.97
C PRO A 37 -2.39 5.42 -4.62
N SER A 38 -2.54 6.61 -4.05
CA SER A 38 -3.45 7.60 -4.58
C SER A 38 -2.69 8.80 -5.15
N GLY A 39 -1.56 9.12 -4.51
CA GLY A 39 -0.75 10.24 -4.97
C GLY A 39 -0.75 11.39 -3.98
N PRO A 40 -0.15 12.51 -4.37
CA PRO A 40 -0.06 13.71 -3.53
C PRO A 40 -1.41 14.38 -3.34
N SER A 41 -1.49 15.25 -2.33
CA SER A 41 -2.74 15.96 -2.04
C SER A 41 -2.54 17.47 -2.16
N SER A 42 -3.49 18.14 -2.81
CA SER A 42 -3.42 19.58 -3.00
C SER A 42 -3.30 20.29 -1.65
N GLY A 43 -2.32 21.19 -1.56
CA GLY A 43 -2.11 21.94 -0.33
C GLY A 43 -3.00 23.16 -0.22
N GLY A 1 -21.36 -4.64 7.32
CA GLY A 1 -19.93 -4.48 7.16
C GLY A 1 -19.45 -4.79 5.76
N SER A 2 -19.85 -3.95 4.80
CA SER A 2 -19.46 -4.16 3.41
C SER A 2 -18.12 -3.49 3.12
N SER A 3 -17.98 -2.24 3.52
CA SER A 3 -16.74 -1.50 3.30
C SER A 3 -15.70 -1.84 4.36
N GLY A 4 -14.48 -1.33 4.18
CA GLY A 4 -13.42 -1.60 5.12
C GLY A 4 -12.08 -1.78 4.44
N SER A 5 -11.10 -2.33 5.18
CA SER A 5 -9.76 -2.55 4.64
C SER A 5 -9.70 -3.86 3.88
N SER A 6 -9.73 -3.78 2.55
CA SER A 6 -9.68 -4.96 1.70
C SER A 6 -8.25 -5.25 1.26
N GLY A 7 -8.09 -6.25 0.41
CA GLY A 7 -6.77 -6.61 -0.08
C GLY A 7 -6.19 -5.56 -1.01
N LEU A 8 -4.94 -5.76 -1.40
CA LEU A 8 -4.26 -4.82 -2.30
C LEU A 8 -4.33 -5.30 -3.74
N PRO A 9 -4.17 -4.36 -4.69
CA PRO A 9 -4.22 -4.66 -6.12
C PRO A 9 -3.00 -5.47 -6.57
N PRO A 10 -3.05 -5.98 -7.82
CA PRO A 10 -1.97 -6.77 -8.39
C PRO A 10 -0.74 -5.93 -8.69
N GLY A 11 0.33 -6.18 -7.94
CA GLY A 11 1.57 -5.44 -8.13
C GLY A 11 2.00 -4.69 -6.89
N TRP A 12 1.11 -4.64 -5.90
CA TRP A 12 1.40 -3.94 -4.65
C TRP A 12 1.57 -4.93 -3.50
N GLU A 13 2.53 -4.66 -2.62
CA GLU A 13 2.78 -5.54 -1.48
C GLU A 13 2.34 -4.86 -0.18
N GLN A 14 2.30 -5.65 0.89
CA GLN A 14 1.89 -5.13 2.20
C GLN A 14 2.92 -5.47 3.26
N ARG A 15 3.52 -4.45 3.85
CA ARG A 15 4.53 -4.64 4.88
C ARG A 15 4.42 -3.57 5.96
N VAL A 16 5.17 -3.74 7.04
CA VAL A 16 5.15 -2.78 8.15
C VAL A 16 6.58 -2.42 8.58
N ASP A 17 6.74 -1.20 9.07
CA ASP A 17 8.04 -0.73 9.51
C ASP A 17 8.24 -1.02 10.99
N GLN A 18 9.41 -0.64 11.52
CA GLN A 18 9.73 -0.86 12.92
C GLN A 18 9.00 0.14 13.81
N HIS A 19 8.30 1.08 13.19
CA HIS A 19 7.55 2.10 13.93
C HIS A 19 6.10 1.67 14.13
N GLY A 20 5.61 0.80 13.26
CA GLY A 20 4.24 0.32 13.36
C GLY A 20 3.35 0.93 12.30
N ARG A 21 3.95 1.63 11.34
CA ARG A 21 3.18 2.26 10.27
C ARG A 21 3.16 1.37 9.02
N VAL A 22 2.00 0.80 8.74
CA VAL A 22 1.84 -0.07 7.58
C VAL A 22 2.14 0.68 6.29
N TYR A 23 2.85 0.01 5.38
CA TYR A 23 3.21 0.62 4.10
C TYR A 23 3.26 -0.43 3.00
N TYR A 24 2.87 -0.03 1.79
CA TYR A 24 2.87 -0.94 0.65
C TYR A 24 4.11 -0.73 -0.21
N VAL A 25 4.51 -1.78 -0.92
CA VAL A 25 5.69 -1.71 -1.79
C VAL A 25 5.37 -2.22 -3.19
N ASP A 26 5.51 -1.34 -4.18
CA ASP A 26 5.23 -1.69 -5.57
C ASP A 26 6.46 -2.32 -6.22
N HIS A 27 6.34 -3.59 -6.59
CA HIS A 27 7.44 -4.31 -7.22
C HIS A 27 7.63 -3.85 -8.67
N VAL A 28 6.69 -3.03 -9.15
CA VAL A 28 6.76 -2.52 -10.51
C VAL A 28 7.27 -1.08 -10.54
N GLU A 29 6.62 -0.22 -9.76
CA GLU A 29 7.01 1.18 -9.70
C GLU A 29 8.22 1.37 -8.79
N LYS A 30 8.44 0.42 -7.89
CA LYS A 30 9.56 0.47 -6.96
C LYS A 30 9.43 1.68 -6.03
N ARG A 31 8.29 1.76 -5.34
CA ARG A 31 8.05 2.85 -4.41
C ARG A 31 7.39 2.35 -3.13
N THR A 32 7.51 3.11 -2.05
CA THR A 32 6.93 2.74 -0.77
C THR A 32 6.04 3.86 -0.23
N THR A 33 4.86 3.49 0.26
CA THR A 33 3.91 4.45 0.80
C THR A 33 3.15 3.86 1.99
N TRP A 34 2.92 4.68 3.01
CA TRP A 34 2.20 4.24 4.19
C TRP A 34 0.71 4.14 3.91
N ASP A 35 0.26 4.81 2.85
CA ASP A 35 -1.15 4.78 2.47
C ASP A 35 -1.35 4.01 1.17
N ARG A 36 -2.58 4.00 0.67
CA ARG A 36 -2.91 3.29 -0.56
C ARG A 36 -2.38 4.05 -1.78
N PRO A 37 -2.20 3.34 -2.90
CA PRO A 37 -1.70 3.93 -4.14
C PRO A 37 -2.71 4.87 -4.78
N SER A 38 -3.98 4.74 -4.38
CA SER A 38 -5.04 5.58 -4.92
C SER A 38 -5.03 6.96 -4.27
N GLY A 39 -5.26 7.98 -5.08
CA GLY A 39 -5.28 9.34 -4.57
C GLY A 39 -3.89 9.93 -4.44
N PRO A 40 -3.83 11.26 -4.25
CA PRO A 40 -2.55 11.97 -4.11
C PRO A 40 -1.84 11.65 -2.80
N SER A 41 -0.73 12.34 -2.55
CA SER A 41 0.04 12.11 -1.33
C SER A 41 -0.25 13.20 -0.31
N SER A 42 -0.19 14.45 -0.73
CA SER A 42 -0.45 15.58 0.16
C SER A 42 -1.91 15.61 0.58
N GLY A 43 -2.15 15.40 1.87
CA GLY A 43 -3.50 15.40 2.38
C GLY A 43 -3.56 15.07 3.87
N GLY A 1 -11.65 1.19 7.04
CA GLY A 1 -12.76 1.34 7.97
C GLY A 1 -13.75 0.20 7.87
N SER A 2 -13.23 -1.01 7.71
CA SER A 2 -14.08 -2.20 7.60
C SER A 2 -15.14 -2.02 6.52
N SER A 3 -14.70 -1.56 5.35
CA SER A 3 -15.60 -1.34 4.23
C SER A 3 -15.24 -2.23 3.05
N GLY A 4 -14.99 -3.51 3.33
CA GLY A 4 -14.63 -4.44 2.28
C GLY A 4 -13.38 -5.23 2.61
N SER A 5 -13.31 -6.46 2.09
CA SER A 5 -12.15 -7.33 2.35
C SER A 5 -11.18 -7.30 1.16
N SER A 6 -10.85 -6.09 0.72
CA SER A 6 -9.92 -5.93 -0.40
C SER A 6 -8.52 -5.62 0.10
N GLY A 7 -7.62 -6.59 -0.07
CA GLY A 7 -6.25 -6.42 0.36
C GLY A 7 -5.53 -5.33 -0.42
N LEU A 8 -4.91 -5.72 -1.53
CA LEU A 8 -4.18 -4.77 -2.37
C LEU A 8 -4.24 -5.19 -3.84
N PRO A 9 -4.01 -4.22 -4.73
CA PRO A 9 -4.02 -4.46 -6.18
C PRO A 9 -2.83 -5.31 -6.64
N PRO A 10 -2.89 -5.77 -7.90
CA PRO A 10 -1.82 -6.59 -8.48
C PRO A 10 -0.54 -5.80 -8.72
N GLY A 11 0.50 -6.11 -7.95
CA GLY A 11 1.77 -5.42 -8.10
C GLY A 11 2.17 -4.68 -6.83
N TRP A 12 1.25 -4.59 -5.88
CA TRP A 12 1.51 -3.89 -4.62
C TRP A 12 1.62 -4.89 -3.47
N GLU A 13 2.56 -4.63 -2.57
CA GLU A 13 2.76 -5.50 -1.41
C GLU A 13 2.28 -4.83 -0.14
N GLN A 14 2.37 -5.56 0.98
CA GLN A 14 1.94 -5.04 2.27
C GLN A 14 2.94 -5.39 3.36
N ARG A 15 3.66 -4.38 3.84
CA ARG A 15 4.66 -4.58 4.89
C ARG A 15 4.52 -3.53 5.99
N VAL A 16 5.27 -3.71 7.07
CA VAL A 16 5.23 -2.78 8.19
C VAL A 16 6.63 -2.40 8.64
N ASP A 17 6.78 -1.17 9.13
CA ASP A 17 8.08 -0.69 9.59
C ASP A 17 8.25 -0.97 11.08
N GLN A 18 9.40 -0.58 11.63
CA GLN A 18 9.70 -0.79 13.03
C GLN A 18 8.92 0.18 13.91
N HIS A 19 8.24 1.13 13.27
CA HIS A 19 7.46 2.12 13.98
C HIS A 19 6.01 1.65 14.17
N GLY A 20 5.57 0.77 13.28
CA GLY A 20 4.21 0.25 13.37
C GLY A 20 3.30 0.85 12.31
N ARG A 21 3.88 1.57 11.36
CA ARG A 21 3.12 2.20 10.30
C ARG A 21 3.10 1.32 9.05
N VAL A 22 1.95 0.73 8.75
CA VAL A 22 1.80 -0.12 7.59
C VAL A 22 2.10 0.64 6.30
N TYR A 23 2.81 -0.01 5.39
CA TYR A 23 3.17 0.61 4.11
C TYR A 23 3.24 -0.44 3.01
N TYR A 24 2.79 -0.06 1.82
CA TYR A 24 2.80 -0.97 0.67
C TYR A 24 4.07 -0.78 -0.16
N VAL A 25 4.45 -1.83 -0.89
CA VAL A 25 5.64 -1.78 -1.73
C VAL A 25 5.33 -2.25 -3.15
N ASP A 26 5.51 -1.36 -4.11
CA ASP A 26 5.26 -1.68 -5.51
C ASP A 26 6.48 -2.33 -6.15
N HIS A 27 6.27 -3.47 -6.78
CA HIS A 27 7.36 -4.19 -7.44
C HIS A 27 7.53 -3.73 -8.89
N VAL A 28 6.46 -3.16 -9.45
CA VAL A 28 6.49 -2.67 -10.82
C VAL A 28 6.82 -1.20 -10.87
N GLU A 29 6.63 -0.51 -9.74
CA GLU A 29 6.92 0.92 -9.65
C GLU A 29 8.10 1.19 -8.73
N LYS A 30 8.37 0.25 -7.84
CA LYS A 30 9.47 0.38 -6.90
C LYS A 30 9.29 1.61 -6.02
N ARG A 31 8.14 1.72 -5.36
CA ARG A 31 7.85 2.85 -4.50
C ARG A 31 7.25 2.38 -3.18
N THR A 32 7.53 3.12 -2.11
CA THR A 32 7.02 2.78 -0.78
C THR A 32 6.10 3.88 -0.25
N THR A 33 4.93 3.49 0.24
CA THR A 33 3.97 4.44 0.78
C THR A 33 3.21 3.84 1.95
N TRP A 34 3.04 4.64 3.00
CA TRP A 34 2.32 4.17 4.19
C TRP A 34 0.83 3.99 3.90
N ASP A 35 0.31 4.81 3.00
CA ASP A 35 -1.10 4.73 2.63
C ASP A 35 -1.26 4.19 1.20
N ARG A 36 -2.51 4.05 0.77
CA ARG A 36 -2.80 3.54 -0.56
C ARG A 36 -2.18 4.43 -1.64
N PRO A 37 -1.89 3.85 -2.80
CA PRO A 37 -1.29 4.58 -3.92
C PRO A 37 -2.26 5.57 -4.55
N SER A 38 -2.16 6.84 -4.15
CA SER A 38 -3.03 7.87 -4.68
C SER A 38 -2.22 9.02 -5.29
N GLY A 39 -2.75 9.60 -6.35
CA GLY A 39 -2.06 10.71 -7.02
C GLY A 39 -2.01 10.54 -8.52
N PRO A 40 -1.66 11.61 -9.23
CA PRO A 40 -1.57 11.60 -10.70
C PRO A 40 -0.40 10.77 -11.20
N SER A 41 -0.71 9.76 -12.01
CA SER A 41 0.32 8.89 -12.56
C SER A 41 0.49 9.12 -14.06
N SER A 42 1.71 8.93 -14.56
CA SER A 42 2.00 9.13 -15.97
C SER A 42 2.98 8.05 -16.47
N GLY A 43 2.78 7.62 -17.71
CA GLY A 43 3.65 6.62 -18.29
C GLY A 43 2.89 5.63 -19.16
N GLY A 1 -22.25 -1.73 3.97
CA GLY A 1 -20.94 -2.35 4.05
C GLY A 1 -19.95 -1.51 4.84
N SER A 2 -19.43 -2.09 5.92
CA SER A 2 -18.48 -1.39 6.77
C SER A 2 -17.05 -1.71 6.35
N SER A 3 -16.70 -1.33 5.13
CA SER A 3 -15.36 -1.60 4.61
C SER A 3 -14.87 -0.42 3.76
N GLY A 4 -13.61 -0.47 3.35
CA GLY A 4 -13.05 0.59 2.55
C GLY A 4 -11.64 0.27 2.06
N SER A 5 -10.80 -0.21 2.97
CA SER A 5 -9.42 -0.54 2.63
C SER A 5 -9.12 -2.00 3.01
N SER A 6 -9.32 -2.91 2.07
CA SER A 6 -9.07 -4.32 2.30
C SER A 6 -8.10 -4.88 1.26
N GLY A 7 -7.14 -5.68 1.71
CA GLY A 7 -6.16 -6.26 0.81
C GLY A 7 -5.48 -5.22 -0.05
N LEU A 8 -4.88 -5.67 -1.15
CA LEU A 8 -4.18 -4.76 -2.05
C LEU A 8 -4.33 -5.23 -3.51
N PRO A 9 -4.14 -4.29 -4.45
CA PRO A 9 -4.25 -4.59 -5.88
C PRO A 9 -3.11 -5.46 -6.38
N PRO A 10 -3.24 -5.98 -7.61
CA PRO A 10 -2.23 -6.84 -8.23
C PRO A 10 -0.97 -6.06 -8.60
N GLY A 11 0.11 -6.31 -7.86
CA GLY A 11 1.36 -5.64 -8.13
C GLY A 11 1.90 -4.90 -6.91
N TRP A 12 1.03 -4.70 -5.92
CA TRP A 12 1.41 -4.01 -4.70
C TRP A 12 1.60 -4.98 -3.54
N GLU A 13 2.58 -4.71 -2.69
CA GLU A 13 2.86 -5.57 -1.54
C GLU A 13 2.43 -4.89 -0.24
N GLN A 14 2.42 -5.67 0.84
CA GLN A 14 2.03 -5.16 2.14
C GLN A 14 3.08 -5.48 3.20
N ARG A 15 3.64 -4.46 3.81
CA ARG A 15 4.66 -4.63 4.83
C ARG A 15 4.52 -3.58 5.94
N VAL A 16 5.28 -3.75 7.01
CA VAL A 16 5.23 -2.83 8.14
C VAL A 16 6.63 -2.44 8.58
N ASP A 17 6.78 -1.23 9.11
CA ASP A 17 8.06 -0.74 9.58
C ASP A 17 8.25 -1.03 11.06
N GLN A 18 9.38 -0.60 11.61
CA GLN A 18 9.68 -0.82 13.02
C GLN A 18 8.92 0.16 13.90
N HIS A 19 8.18 1.07 13.26
CA HIS A 19 7.41 2.07 13.99
C HIS A 19 5.96 1.61 14.16
N GLY A 20 5.50 0.75 13.26
CA GLY A 20 4.14 0.25 13.33
C GLY A 20 3.25 0.88 12.27
N ARG A 21 3.85 1.54 11.29
CA ARG A 21 3.10 2.19 10.23
C ARG A 21 3.08 1.32 8.97
N VAL A 22 1.92 0.74 8.68
CA VAL A 22 1.76 -0.12 7.51
C VAL A 22 2.06 0.65 6.23
N TYR A 23 2.80 0.02 5.33
CA TYR A 23 3.15 0.65 4.06
C TYR A 23 3.20 -0.39 2.93
N TYR A 24 2.78 0.01 1.74
CA TYR A 24 2.79 -0.88 0.59
C TYR A 24 4.04 -0.67 -0.26
N VAL A 25 4.45 -1.71 -0.97
CA VAL A 25 5.63 -1.65 -1.82
C VAL A 25 5.33 -2.19 -3.21
N ASP A 26 5.48 -1.33 -4.21
CA ASP A 26 5.23 -1.72 -5.60
C ASP A 26 6.48 -2.32 -6.23
N HIS A 27 6.39 -3.59 -6.61
CA HIS A 27 7.52 -4.28 -7.23
C HIS A 27 7.71 -3.83 -8.67
N VAL A 28 6.77 -3.03 -9.16
CA VAL A 28 6.83 -2.54 -10.53
C VAL A 28 7.30 -1.07 -10.57
N GLU A 29 6.67 -0.24 -9.76
CA GLU A 29 7.03 1.18 -9.68
C GLU A 29 8.25 1.39 -8.79
N LYS A 30 8.47 0.45 -7.87
CA LYS A 30 9.59 0.53 -6.96
C LYS A 30 9.46 1.75 -6.05
N ARG A 31 8.33 1.85 -5.35
CA ARG A 31 8.08 2.96 -4.45
C ARG A 31 7.47 2.47 -3.14
N THR A 32 7.65 3.25 -2.08
CA THR A 32 7.11 2.90 -0.77
C THR A 32 6.19 3.99 -0.24
N THR A 33 5.02 3.58 0.24
CA THR A 33 4.05 4.52 0.78
C THR A 33 3.29 3.92 1.96
N TRP A 34 3.04 4.74 2.98
CA TRP A 34 2.34 4.29 4.17
C TRP A 34 0.84 4.14 3.89
N ASP A 35 0.33 4.95 2.96
CA ASP A 35 -1.08 4.90 2.61
C ASP A 35 -1.26 4.28 1.22
N ARG A 36 -2.51 4.16 0.79
CA ARG A 36 -2.82 3.58 -0.51
C ARG A 36 -2.26 4.44 -1.63
N PRO A 37 -1.99 3.82 -2.79
CA PRO A 37 -1.44 4.51 -3.95
C PRO A 37 -2.46 5.44 -4.60
N SER A 38 -3.73 5.25 -4.26
CA SER A 38 -4.80 6.07 -4.81
C SER A 38 -5.59 6.75 -3.70
N GLY A 39 -4.87 7.27 -2.70
CA GLY A 39 -5.51 7.95 -1.60
C GLY A 39 -5.25 9.44 -1.59
N PRO A 40 -5.71 10.13 -0.54
CA PRO A 40 -5.54 11.57 -0.39
C PRO A 40 -4.09 11.96 -0.13
N SER A 41 -3.88 13.24 0.20
CA SER A 41 -2.53 13.73 0.48
C SER A 41 -2.49 14.46 1.82
N SER A 42 -1.51 14.12 2.64
CA SER A 42 -1.37 14.73 3.96
C SER A 42 -0.51 15.99 3.87
N GLY A 43 0.77 15.81 3.56
CA GLY A 43 1.68 16.93 3.45
C GLY A 43 2.01 17.55 4.81
N GLY A 1 -11.82 4.27 5.24
CA GLY A 1 -12.48 3.56 6.31
C GLY A 1 -11.50 2.91 7.27
N SER A 2 -11.62 3.24 8.55
CA SER A 2 -10.73 2.70 9.57
C SER A 2 -11.30 1.42 10.16
N SER A 3 -10.43 0.59 10.73
CA SER A 3 -10.85 -0.67 11.33
C SER A 3 -11.54 -1.56 10.30
N GLY A 4 -11.03 -1.54 9.07
CA GLY A 4 -11.61 -2.34 8.01
C GLY A 4 -10.57 -3.17 7.28
N SER A 5 -10.81 -4.48 7.20
CA SER A 5 -9.89 -5.37 6.53
C SER A 5 -9.92 -5.17 5.02
N SER A 6 -8.91 -4.48 4.50
CA SER A 6 -8.83 -4.20 3.07
C SER A 6 -7.55 -4.80 2.48
N GLY A 7 -7.67 -5.31 1.25
CA GLY A 7 -6.51 -5.90 0.59
C GLY A 7 -5.76 -4.90 -0.26
N LEU A 8 -5.12 -5.39 -1.32
CA LEU A 8 -4.35 -4.53 -2.22
C LEU A 8 -4.42 -5.05 -3.65
N PRO A 9 -4.16 -4.16 -4.61
CA PRO A 9 -4.18 -4.50 -6.04
C PRO A 9 -3.01 -5.39 -6.43
N PRO A 10 -3.07 -5.94 -7.66
CA PRO A 10 -2.02 -6.82 -8.17
C PRO A 10 -0.72 -6.07 -8.47
N GLY A 11 0.34 -6.42 -7.74
CA GLY A 11 1.61 -5.77 -7.94
C GLY A 11 2.07 -5.01 -6.71
N TRP A 12 1.13 -4.73 -5.81
CA TRP A 12 1.44 -3.99 -4.59
C TRP A 12 1.57 -4.93 -3.39
N GLU A 13 2.52 -4.63 -2.51
CA GLU A 13 2.74 -5.46 -1.33
C GLU A 13 2.27 -4.75 -0.07
N GLN A 14 2.39 -5.44 1.07
CA GLN A 14 1.97 -4.86 2.35
C GLN A 14 2.98 -5.19 3.44
N ARG A 15 3.73 -4.17 3.86
CA ARG A 15 4.74 -4.35 4.91
C ARG A 15 4.46 -3.45 6.10
N VAL A 16 5.25 -3.59 7.14
CA VAL A 16 5.08 -2.79 8.35
C VAL A 16 6.43 -2.44 8.98
N ASP A 17 6.79 -1.16 8.92
CA ASP A 17 8.06 -0.70 9.47
C ASP A 17 8.16 -1.06 10.96
N GLN A 18 9.31 -0.75 11.56
CA GLN A 18 9.53 -1.03 12.97
C GLN A 18 8.75 -0.08 13.86
N HIS A 19 8.13 0.93 13.24
CA HIS A 19 7.36 1.92 13.97
C HIS A 19 5.90 1.48 14.10
N GLY A 20 5.48 0.57 13.22
CA GLY A 20 4.11 0.09 13.26
C GLY A 20 3.26 0.70 12.17
N ARG A 21 3.88 1.50 11.31
CA ARG A 21 3.16 2.15 10.21
C ARG A 21 3.18 1.28 8.95
N VAL A 22 2.04 0.67 8.65
CA VAL A 22 1.92 -0.18 7.48
C VAL A 22 2.18 0.59 6.20
N TYR A 23 2.97 0.00 5.30
CA TYR A 23 3.30 0.65 4.03
C TYR A 23 3.38 -0.37 2.91
N TYR A 24 2.83 -0.01 1.75
CA TYR A 24 2.83 -0.90 0.59
C TYR A 24 4.07 -0.66 -0.26
N VAL A 25 4.48 -1.69 -1.00
CA VAL A 25 5.64 -1.61 -1.87
C VAL A 25 5.35 -2.15 -3.25
N ASP A 26 5.51 -1.30 -4.27
CA ASP A 26 5.25 -1.70 -5.64
C ASP A 26 6.50 -2.32 -6.27
N HIS A 27 6.38 -3.57 -6.72
CA HIS A 27 7.50 -4.27 -7.34
C HIS A 27 7.66 -3.85 -8.80
N VAL A 28 6.70 -3.07 -9.30
CA VAL A 28 6.75 -2.60 -10.67
C VAL A 28 7.20 -1.15 -10.75
N GLU A 29 6.67 -0.33 -9.84
CA GLU A 29 7.02 1.09 -9.80
C GLU A 29 8.20 1.33 -8.86
N LYS A 30 8.39 0.42 -7.92
CA LYS A 30 9.47 0.53 -6.94
C LYS A 30 9.30 1.76 -6.07
N ARG A 31 8.14 1.87 -5.42
CA ARG A 31 7.84 3.00 -4.56
C ARG A 31 7.29 2.53 -3.21
N THR A 32 7.57 3.28 -2.16
CA THR A 32 7.10 2.94 -0.82
C THR A 32 6.17 4.02 -0.28
N THR A 33 5.01 3.59 0.22
CA THR A 33 4.03 4.52 0.77
C THR A 33 3.30 3.90 1.95
N TRP A 34 3.05 4.70 2.98
CA TRP A 34 2.35 4.23 4.17
C TRP A 34 0.87 4.03 3.89
N ASP A 35 0.37 4.71 2.86
CA ASP A 35 -1.03 4.61 2.49
C ASP A 35 -1.18 4.08 1.06
N ARG A 36 -2.42 3.82 0.66
CA ARG A 36 -2.69 3.32 -0.69
C ARG A 36 -2.04 4.21 -1.74
N PRO A 37 -1.87 3.65 -2.95
CA PRO A 37 -1.26 4.37 -4.07
C PRO A 37 -2.15 5.49 -4.59
N SER A 38 -1.72 6.73 -4.39
CA SER A 38 -2.50 7.89 -4.85
C SER A 38 -1.57 9.07 -5.12
N GLY A 39 -2.14 10.13 -5.70
CA GLY A 39 -1.35 11.31 -5.99
C GLY A 39 -1.58 11.82 -7.41
N PRO A 40 -1.08 13.02 -7.71
CA PRO A 40 -1.22 13.63 -9.03
C PRO A 40 -0.39 12.93 -10.08
N SER A 41 -0.90 11.80 -10.59
CA SER A 41 -0.21 11.03 -11.60
C SER A 41 -0.92 11.13 -12.95
N SER A 42 -0.19 10.84 -14.02
CA SER A 42 -0.75 10.91 -15.37
C SER A 42 -1.55 9.65 -15.68
N GLY A 43 -1.01 8.50 -15.32
CA GLY A 43 -1.68 7.24 -15.57
C GLY A 43 -1.17 6.54 -16.82
N GLY A 1 -19.17 0.35 7.30
CA GLY A 1 -20.06 -0.57 6.62
C GLY A 1 -19.63 -0.85 5.19
N SER A 2 -19.17 -2.08 4.96
CA SER A 2 -18.71 -2.48 3.63
C SER A 2 -19.17 -3.89 3.30
N SER A 3 -18.75 -4.39 2.14
CA SER A 3 -19.13 -5.73 1.70
C SER A 3 -17.98 -6.71 1.92
N GLY A 4 -16.75 -6.23 1.69
CA GLY A 4 -15.59 -7.08 1.86
C GLY A 4 -14.60 -6.94 0.72
N SER A 5 -13.40 -6.44 1.02
CA SER A 5 -12.37 -6.25 0.01
C SER A 5 -11.23 -7.24 0.21
N SER A 6 -10.28 -7.24 -0.73
CA SER A 6 -9.14 -8.15 -0.65
C SER A 6 -8.05 -7.57 0.25
N GLY A 7 -7.58 -6.38 -0.10
CA GLY A 7 -6.54 -5.74 0.69
C GLY A 7 -5.72 -4.76 -0.12
N LEU A 8 -5.16 -5.23 -1.23
CA LEU A 8 -4.35 -4.38 -2.09
C LEU A 8 -4.40 -4.87 -3.55
N PRO A 9 -4.09 -3.97 -4.48
CA PRO A 9 -4.10 -4.29 -5.91
C PRO A 9 -2.95 -5.22 -6.30
N PRO A 10 -3.02 -5.77 -7.53
CA PRO A 10 -2.00 -6.68 -8.04
C PRO A 10 -0.68 -5.97 -8.33
N GLY A 11 0.39 -6.45 -7.69
CA GLY A 11 1.70 -5.84 -7.89
C GLY A 11 2.18 -5.08 -6.67
N TRP A 12 1.30 -4.89 -5.71
CA TRP A 12 1.63 -4.17 -4.49
C TRP A 12 1.77 -5.13 -3.31
N GLU A 13 2.79 -4.90 -2.50
CA GLU A 13 3.04 -5.74 -1.33
C GLU A 13 2.70 -5.01 -0.04
N GLN A 14 2.21 -5.76 0.94
CA GLN A 14 1.84 -5.18 2.23
C GLN A 14 2.88 -5.50 3.29
N ARG A 15 3.52 -4.47 3.83
CA ARG A 15 4.54 -4.65 4.85
C ARG A 15 4.39 -3.61 5.96
N VAL A 16 5.13 -3.78 7.04
CA VAL A 16 5.08 -2.86 8.16
C VAL A 16 6.48 -2.51 8.65
N ASP A 17 6.68 -1.24 8.99
CA ASP A 17 7.97 -0.77 9.48
C ASP A 17 8.16 -1.13 10.94
N GLN A 18 9.33 -0.79 11.49
CA GLN A 18 9.64 -1.07 12.88
C GLN A 18 8.91 -0.10 13.81
N HIS A 19 8.26 0.89 13.22
CA HIS A 19 7.52 1.89 13.99
C HIS A 19 6.06 1.47 14.18
N GLY A 20 5.55 0.71 13.21
CA GLY A 20 4.16 0.26 13.29
C GLY A 20 3.28 0.91 12.25
N ARG A 21 3.91 1.58 11.29
CA ARG A 21 3.16 2.25 10.22
C ARG A 21 3.12 1.40 8.97
N VAL A 22 1.95 0.83 8.69
CA VAL A 22 1.77 -0.01 7.50
C VAL A 22 2.08 0.76 6.23
N TYR A 23 2.79 0.11 5.31
CA TYR A 23 3.14 0.74 4.04
C TYR A 23 3.20 -0.29 2.92
N TYR A 24 2.74 0.11 1.73
CA TYR A 24 2.74 -0.78 0.58
C TYR A 24 3.99 -0.59 -0.27
N VAL A 25 4.37 -1.63 -1.00
CA VAL A 25 5.55 -1.58 -1.85
C VAL A 25 5.24 -2.08 -3.25
N ASP A 26 5.58 -1.27 -4.25
CA ASP A 26 5.33 -1.63 -5.64
C ASP A 26 6.57 -2.30 -6.25
N HIS A 27 6.36 -3.48 -6.83
CA HIS A 27 7.45 -4.23 -7.45
C HIS A 27 7.65 -3.80 -8.90
N VAL A 28 6.67 -3.09 -9.45
CA VAL A 28 6.72 -2.63 -10.83
C VAL A 28 7.07 -1.13 -10.88
N GLU A 29 6.79 -0.43 -9.79
CA GLU A 29 7.08 1.00 -9.72
C GLU A 29 8.23 1.28 -8.76
N LYS A 30 8.42 0.39 -7.80
CA LYS A 30 9.48 0.53 -6.82
C LYS A 30 9.29 1.78 -5.98
N ARG A 31 8.12 1.89 -5.35
CA ARG A 31 7.80 3.04 -4.51
C ARG A 31 7.24 2.59 -3.17
N THR A 32 7.56 3.34 -2.12
CA THR A 32 7.08 3.02 -0.78
C THR A 32 6.13 4.10 -0.26
N THR A 33 4.96 3.68 0.21
CA THR A 33 3.96 4.61 0.73
C THR A 33 3.19 3.99 1.89
N TRP A 34 3.02 4.77 2.96
CA TRP A 34 2.30 4.30 4.13
C TRP A 34 0.82 4.11 3.82
N ASP A 35 0.39 4.62 2.68
CA ASP A 35 -1.01 4.52 2.27
C ASP A 35 -1.11 4.04 0.82
N ARG A 36 -2.34 3.83 0.36
CA ARG A 36 -2.58 3.37 -0.99
C ARG A 36 -1.90 4.29 -2.01
N PRO A 37 -1.70 3.78 -3.23
CA PRO A 37 -1.06 4.54 -4.31
C PRO A 37 -1.95 5.68 -4.83
N SER A 38 -3.25 5.58 -4.54
CA SER A 38 -4.20 6.59 -4.97
C SER A 38 -5.48 6.51 -4.16
N GLY A 39 -5.79 7.61 -3.46
CA GLY A 39 -7.00 7.65 -2.65
C GLY A 39 -7.15 8.96 -1.90
N PRO A 40 -8.34 9.19 -1.33
CA PRO A 40 -8.64 10.41 -0.58
C PRO A 40 -7.89 10.47 0.74
N SER A 41 -8.17 11.50 1.54
CA SER A 41 -7.52 11.68 2.83
C SER A 41 -8.46 11.33 3.97
N SER A 42 -8.48 10.06 4.36
CA SER A 42 -9.34 9.60 5.43
C SER A 42 -8.72 8.42 6.16
N GLY A 43 -8.59 8.53 7.48
CA GLY A 43 -8.01 7.46 8.26
C GLY A 43 -9.05 6.61 8.95
#